data_4A5O
#
_entry.id   4A5O
#
_cell.length_a   61.570
_cell.length_b   82.430
_cell.length_c   109.070
_cell.angle_alpha   90.00
_cell.angle_beta   94.68
_cell.angle_gamma   90.00
#
_symmetry.space_group_name_H-M   'P 1 21 1'
#
loop_
_entity.id
_entity.type
_entity.pdbx_description
1 polymer 'BIFUNCTIONAL PROTEIN FOLD'
2 non-polymer GLYCEROL
3 non-polymer DI(HYDROXYETHYL)ETHER
4 water water
#
_entity_poly.entity_id   1
_entity_poly.type   'polypeptide(L)'
_entity_poly.pdbx_seq_one_letter_code
;GHMTAQLIDGKAIAANLRQQIAQRVTERRQQGLRVPGLAVILVGTDPASQVYVAHKRKDCEEVGFLSQAYDLPAETSQDD
LLALIDRLNDDPAIDGILVQLPLPAHLDASLLLERIHPDKDVDGFHPYNIGRLAQRMPLLRPCTPKGIMTLLASTGADLY
GMDAVVVGASNIVGRPMALELLLGGCTVTVTHRFTRDLADHVSRADLVVVAAGKPGLVKGEWIKEGAIVIDVGINRQADG
RLVGDVEYEVAAQRASWITPVPGGVGPMTRACLLENTLHAAEHLHD
;
_entity_poly.pdbx_strand_id   A,B,C,D
#
# COMPACT_ATOMS: atom_id res chain seq x y z
N THR A 4 13.54 35.66 -7.43
CA THR A 4 13.08 36.72 -8.38
C THR A 4 11.59 36.58 -8.66
N ALA A 5 11.11 35.34 -8.81
CA ALA A 5 9.68 35.10 -8.96
C ALA A 5 8.94 35.44 -7.67
N GLN A 6 7.78 36.09 -7.80
CA GLN A 6 6.90 36.31 -6.65
C GLN A 6 6.29 34.99 -6.21
N LEU A 7 5.89 34.92 -4.95
CA LEU A 7 5.44 33.68 -4.35
C LEU A 7 3.93 33.64 -4.23
N ILE A 8 3.35 32.52 -4.65
CA ILE A 8 1.95 32.22 -4.36
C ILE A 8 1.93 31.53 -2.98
N ASP A 9 1.13 32.07 -2.06
CA ASP A 9 1.05 31.54 -0.69
C ASP A 9 -0.33 30.92 -0.51
N GLY A 10 -0.48 29.66 -0.93
CA GLY A 10 -1.74 28.94 -0.80
C GLY A 10 -2.25 28.85 0.62
N LYS A 11 -1.35 28.75 1.60
CA LYS A 11 -1.75 28.72 3.00
C LYS A 11 -2.47 30.01 3.43
N ALA A 12 -1.95 31.16 3.02
CA ALA A 12 -2.56 32.46 3.34
C ALA A 12 -3.88 32.67 2.61
N ILE A 13 -3.94 32.22 1.35
CA ILE A 13 -5.19 32.31 0.57
C ILE A 13 -6.26 31.39 1.12
N ALA A 14 -5.87 30.20 1.57
CA ALA A 14 -6.81 29.27 2.22
C ALA A 14 -7.39 29.87 3.51
N ALA A 15 -6.57 30.59 4.26
CA ALA A 15 -7.02 31.23 5.50
C ALA A 15 -7.97 32.39 5.18
N ASN A 16 -7.59 33.24 4.23
CA ASN A 16 -8.46 34.33 3.76
C ASN A 16 -9.82 33.78 3.31
N LEU A 17 -9.77 32.63 2.64
CA LEU A 17 -10.96 31.98 2.12
C LEU A 17 -11.84 31.43 3.24
N ARG A 18 -11.23 30.78 4.25
CA ARG A 18 -11.98 30.31 5.43
C ARG A 18 -12.62 31.49 6.17
N GLN A 19 -11.87 32.58 6.30
CA GLN A 19 -12.37 33.80 6.93
C GLN A 19 -13.58 34.39 6.19
N GLN A 20 -13.50 34.46 4.87
CA GLN A 20 -14.61 34.96 4.06
C GLN A 20 -15.84 34.06 4.19
N ILE A 21 -15.66 32.75 4.13
CA ILE A 21 -16.75 31.80 4.30
C ILE A 21 -17.39 31.92 5.69
N ALA A 22 -16.56 32.12 6.72
CA ALA A 22 -17.07 32.26 8.08
C ALA A 22 -17.92 33.52 8.24
N GLN A 23 -17.53 34.59 7.55
CA GLN A 23 -18.23 35.87 7.64
C GLN A 23 -19.55 35.79 6.90
N ARG A 24 -19.52 35.16 5.73
CA ARG A 24 -20.75 34.91 4.97
C ARG A 24 -21.75 34.12 5.82
N VAL A 25 -21.26 33.10 6.51
CA VAL A 25 -22.10 32.26 7.37
C VAL A 25 -22.71 33.07 8.51
N THR A 26 -21.95 34.04 9.03
CA THR A 26 -22.45 34.97 10.04
C THR A 26 -23.54 35.89 9.49
N GLU A 27 -23.36 36.36 8.25
CA GLU A 27 -24.39 37.15 7.55
C GLU A 27 -25.65 36.33 7.29
N ARG A 28 -25.50 35.03 7.04
CA ARG A 28 -26.65 34.15 6.83
C ARG A 28 -27.45 33.95 8.12
N ARG A 29 -26.74 33.65 9.21
CA ARG A 29 -27.35 33.27 10.47
C ARG A 29 -28.12 34.42 11.11
N GLN A 30 -27.62 35.64 10.95
CA GLN A 30 -28.34 36.84 11.41
C GLN A 30 -29.57 37.12 10.54
N GLN A 31 -29.52 36.70 9.29
CA GLN A 31 -30.60 36.92 8.33
C GLN A 31 -31.68 35.84 8.41
N GLY A 32 -31.45 34.82 9.25
CA GLY A 32 -32.41 33.74 9.41
C GLY A 32 -32.30 32.67 8.35
N LEU A 33 -31.19 32.67 7.61
CA LEU A 33 -30.96 31.68 6.58
C LEU A 33 -30.31 30.46 7.21
N ARG A 34 -30.58 29.29 6.63
CA ARG A 34 -30.03 28.04 7.15
C ARG A 34 -28.49 27.94 7.00
N VAL A 35 -27.85 27.53 8.09
CA VAL A 35 -26.41 27.34 8.09
C VAL A 35 -26.08 26.08 7.30
N PRO A 36 -25.04 26.14 6.45
CA PRO A 36 -24.66 24.97 5.70
C PRO A 36 -24.25 23.81 6.59
N GLY A 37 -24.67 22.61 6.22
CA GLY A 37 -24.33 21.38 6.94
C GLY A 37 -23.37 20.54 6.13
N LEU A 38 -22.41 19.92 6.81
CA LEU A 38 -21.41 19.03 6.18
C LEU A 38 -21.35 17.74 6.98
N ALA A 39 -21.62 16.62 6.34
CA ALA A 39 -21.43 15.32 6.98
C ALA A 39 -20.09 14.78 6.49
N VAL A 40 -19.21 14.44 7.42
CA VAL A 40 -17.93 13.82 7.08
C VAL A 40 -17.91 12.41 7.62
N ILE A 41 -17.75 11.45 6.73
CA ILE A 41 -17.80 10.03 7.08
C ILE A 41 -16.41 9.39 7.03
N LEU A 42 -15.97 8.82 8.15
CA LEU A 42 -14.75 8.04 8.20
C LEU A 42 -15.08 6.58 8.45
N VAL A 43 -14.46 5.70 7.68
CA VAL A 43 -14.58 4.25 7.86
C VAL A 43 -13.18 3.67 8.10
N GLY A 44 -13.00 2.97 9.23
CA GLY A 44 -11.73 2.29 9.52
C GLY A 44 -10.76 3.08 10.37
N THR A 45 -9.51 2.60 10.43
CA THR A 45 -8.52 3.02 11.43
C THR A 45 -7.35 3.85 10.87
N ASP A 46 -7.24 3.95 9.54
CA ASP A 46 -6.04 4.53 8.92
C ASP A 46 -5.61 5.87 9.55
N PRO A 47 -4.40 5.92 10.14
CA PRO A 47 -3.88 7.12 10.83
C PRO A 47 -3.88 8.38 9.98
N ALA A 48 -3.40 8.25 8.73
CA ALA A 48 -3.46 9.34 7.76
C ALA A 48 -4.89 9.88 7.62
N SER A 49 -5.84 8.98 7.41
CA SER A 49 -7.24 9.37 7.22
C SER A 49 -7.84 10.03 8.46
N GLN A 50 -7.45 9.56 9.65
CA GLN A 50 -7.88 10.19 10.90
C GLN A 50 -7.34 11.62 11.01
N VAL A 51 -6.11 11.83 10.58
CA VAL A 51 -5.48 13.16 10.60
C VAL A 51 -6.16 14.09 9.60
N TYR A 52 -6.35 13.60 8.38
CA TYR A 52 -6.96 14.40 7.30
C TYR A 52 -8.40 14.76 7.63
N VAL A 53 -9.19 13.76 8.02
CA VAL A 53 -10.56 14.02 8.46
C VAL A 53 -10.58 15.04 9.62
N ALA A 54 -9.62 14.92 10.53
CA ALA A 54 -9.52 15.86 11.66
C ALA A 54 -9.33 17.30 11.20
N HIS A 55 -8.51 17.52 10.17
CA HIS A 55 -8.26 18.85 9.60
CA HIS A 55 -8.31 18.88 9.70
C HIS A 55 -9.53 19.41 8.94
N LYS A 56 -10.28 18.51 8.28
CA LYS A 56 -11.52 18.91 7.61
C LYS A 56 -12.50 19.46 8.63
N ARG A 57 -12.64 18.73 9.75
CA ARG A 57 -13.63 19.07 10.77
C ARG A 57 -13.24 20.29 11.60
N LYS A 58 -11.92 20.47 11.78
CA LYS A 58 -11.38 21.68 12.37
C LYS A 58 -11.67 22.89 11.48
N ASP A 59 -11.48 22.72 10.18
CA ASP A 59 -11.81 23.78 9.22
C ASP A 59 -13.31 24.01 9.16
N CYS A 60 -14.07 22.92 9.28
CA CYS A 60 -15.52 23.00 9.28
C CYS A 60 -16.02 23.83 10.47
N GLU A 61 -15.45 23.58 11.66
CA GLU A 61 -15.85 24.29 12.86
C GLU A 61 -15.45 25.77 12.85
N GLU A 62 -14.25 26.07 12.35
CA GLU A 62 -13.80 27.46 12.25
C GLU A 62 -14.78 28.29 11.47
N VAL A 63 -15.31 27.70 10.40
CA VAL A 63 -16.16 28.43 9.47
C VAL A 63 -17.63 28.44 9.94
N GLY A 64 -17.92 27.69 11.00
CA GLY A 64 -19.23 27.74 11.65
C GLY A 64 -20.32 26.97 10.93
N PHE A 65 -19.94 25.95 10.15
CA PHE A 65 -20.93 25.06 9.56
C PHE A 65 -21.62 24.22 10.63
N LEU A 66 -22.83 23.80 10.31
CA LEU A 66 -23.46 22.67 10.99
C LEU A 66 -22.62 21.48 10.55
N SER A 67 -22.17 20.64 11.48
CA SER A 67 -21.36 19.46 11.10
C SER A 67 -21.91 18.18 11.71
N GLN A 68 -21.70 17.07 11.02
CA GLN A 68 -22.10 15.75 11.51
C GLN A 68 -20.99 14.75 11.27
N ALA A 69 -20.36 14.29 12.35
CA ALA A 69 -19.27 13.33 12.27
C ALA A 69 -19.83 11.92 12.25
N TYR A 70 -19.30 11.09 11.36
CA TYR A 70 -19.65 9.67 11.32
C TYR A 70 -18.39 8.80 11.24
N ASP A 71 -17.88 8.41 12.41
CA ASP A 71 -16.67 7.60 12.52
C ASP A 71 -17.01 6.11 12.61
N LEU A 72 -17.27 5.49 11.47
CA LEU A 72 -17.71 4.09 11.44
C LEU A 72 -16.55 3.12 11.57
N PRO A 73 -16.84 1.88 12.03
CA PRO A 73 -15.82 0.84 12.10
C PRO A 73 -15.56 0.24 10.73
N ALA A 74 -14.36 -0.31 10.54
CA ALA A 74 -13.89 -0.74 9.22
C ALA A 74 -14.76 -1.80 8.53
N GLU A 75 -15.42 -2.65 9.31
CA GLU A 75 -16.20 -3.76 8.74
C GLU A 75 -17.68 -3.43 8.50
N THR A 76 -18.03 -2.15 8.60
CA THR A 76 -19.36 -1.67 8.20
C THR A 76 -19.67 -2.18 6.78
N SER A 77 -20.88 -2.68 6.57
CA SER A 77 -21.25 -3.28 5.29
C SER A 77 -21.41 -2.20 4.21
N GLN A 78 -21.32 -2.62 2.96
CA GLN A 78 -21.52 -1.71 1.84
C GLN A 78 -22.95 -1.17 1.86
N ASP A 79 -23.91 -2.05 2.17
CA ASP A 79 -25.32 -1.69 2.21
C ASP A 79 -25.62 -0.69 3.33
N ASP A 80 -25.06 -0.92 4.52
CA ASP A 80 -25.28 0.00 5.65
C ASP A 80 -24.78 1.38 5.29
N LEU A 81 -23.59 1.42 4.67
CA LEU A 81 -22.98 2.66 4.24
C LEU A 81 -23.82 3.34 3.16
N LEU A 82 -24.40 2.55 2.25
CA LEU A 82 -25.31 3.10 1.25
C LEU A 82 -26.53 3.75 1.93
N ALA A 83 -27.08 3.08 2.94
CA ALA A 83 -28.22 3.60 3.69
C ALA A 83 -27.88 4.88 4.45
N LEU A 84 -26.62 5.02 4.88
CA LEU A 84 -26.16 6.25 5.52
C LEU A 84 -26.07 7.39 4.50
N ILE A 85 -25.55 7.08 3.32
CA ILE A 85 -25.47 8.05 2.23
C ILE A 85 -26.86 8.40 1.69
N ASP A 86 -27.73 7.40 1.55
CA ASP A 86 -29.13 7.63 1.17
C ASP A 86 -29.84 8.56 2.13
N ARG A 87 -29.58 8.40 3.42
CA ARG A 87 -30.23 9.21 4.45
C ARG A 87 -29.71 10.64 4.47
N LEU A 88 -28.41 10.80 4.23
CA LEU A 88 -27.76 12.12 4.19
C LEU A 88 -28.19 12.94 2.96
N ASN A 89 -28.43 12.26 1.85
CA ASN A 89 -28.97 12.91 0.65
C ASN A 89 -30.36 13.49 0.89
N ASP A 90 -31.19 12.75 1.64
CA ASP A 90 -32.57 13.15 1.91
C ASP A 90 -32.70 14.08 3.12
N ASP A 91 -31.58 14.40 3.77
CA ASP A 91 -31.59 15.31 4.92
C ASP A 91 -31.34 16.73 4.40
N PRO A 92 -32.36 17.61 4.52
CA PRO A 92 -32.20 18.95 3.93
C PRO A 92 -31.33 19.89 4.77
N ALA A 93 -30.90 19.43 5.94
CA ALA A 93 -29.95 20.17 6.77
C ALA A 93 -28.50 19.94 6.34
N ILE A 94 -28.26 18.97 5.46
CA ILE A 94 -26.91 18.61 5.01
C ILE A 94 -26.71 19.04 3.56
N ASP A 95 -25.73 19.92 3.34
CA ASP A 95 -25.40 20.42 2.02
C ASP A 95 -24.26 19.62 1.39
N GLY A 96 -23.32 19.16 2.20
CA GLY A 96 -22.17 18.42 1.70
C GLY A 96 -22.01 17.07 2.36
N ILE A 97 -21.66 16.07 1.56
CA ILE A 97 -21.36 14.73 2.04
C ILE A 97 -19.95 14.33 1.61
N LEU A 98 -19.06 14.13 2.59
CA LEU A 98 -17.66 13.72 2.37
C LEU A 98 -17.41 12.30 2.86
N VAL A 99 -16.86 11.45 1.99
CA VAL A 99 -16.46 10.10 2.35
C VAL A 99 -14.94 9.99 2.28
N GLN A 100 -14.29 9.96 3.44
CA GLN A 100 -12.83 9.96 3.50
C GLN A 100 -12.26 8.75 2.78
N LEU A 101 -11.22 9.01 2.00
CA LEU A 101 -10.59 8.00 1.17
CA LEU A 101 -10.58 8.01 1.15
C LEU A 101 -9.18 7.74 1.71
N PRO A 102 -8.68 6.49 1.59
CA PRO A 102 -9.24 5.28 0.99
C PRO A 102 -10.19 4.48 1.89
N LEU A 103 -10.98 3.60 1.28
CA LEU A 103 -11.95 2.78 1.99
C LEU A 103 -11.54 1.31 2.00
N PRO A 104 -11.97 0.57 3.03
CA PRO A 104 -11.72 -0.87 3.15
C PRO A 104 -11.94 -1.65 1.85
N ALA A 105 -11.09 -2.65 1.62
CA ALA A 105 -11.05 -3.42 0.37
C ALA A 105 -12.41 -3.96 -0.11
N HIS A 106 -13.23 -4.41 0.82
CA HIS A 106 -14.54 -4.98 0.47
C HIS A 106 -15.52 -3.94 -0.07
N LEU A 107 -15.32 -2.67 0.30
CA LEU A 107 -16.21 -1.60 -0.13
C LEU A 107 -15.86 -1.15 -1.56
N ASP A 108 -16.89 -1.05 -2.40
CA ASP A 108 -16.75 -0.53 -3.76
C ASP A 108 -16.66 0.99 -3.65
N ALA A 109 -15.44 1.52 -3.80
CA ALA A 109 -15.19 2.95 -3.66
C ALA A 109 -16.07 3.79 -4.59
N SER A 110 -16.08 3.43 -5.87
CA SER A 110 -16.85 4.14 -6.89
C SER A 110 -18.36 4.10 -6.65
N LEU A 111 -18.88 2.93 -6.30
CA LEU A 111 -20.32 2.79 -6.02
C LEU A 111 -20.75 3.73 -4.90
N LEU A 112 -19.97 3.74 -3.83
CA LEU A 112 -20.29 4.52 -2.62
C LEU A 112 -20.24 6.03 -2.88
N LEU A 113 -19.19 6.47 -3.56
CA LEU A 113 -19.00 7.90 -3.83
C LEU A 113 -20.03 8.41 -4.83
N GLU A 114 -20.37 7.57 -5.82
CA GLU A 114 -21.34 7.96 -6.85
C GLU A 114 -22.78 7.96 -6.33
N ARG A 115 -22.99 7.37 -5.17
CA ARG A 115 -24.31 7.36 -4.51
C ARG A 115 -24.62 8.75 -3.95
N ILE A 116 -23.58 9.53 -3.69
CA ILE A 116 -23.73 10.88 -3.18
C ILE A 116 -24.39 11.72 -4.27
N HIS A 117 -25.45 12.42 -3.91
CA HIS A 117 -26.06 13.36 -4.83
C HIS A 117 -24.98 14.32 -5.29
N PRO A 118 -24.79 14.45 -6.60
CA PRO A 118 -23.76 15.37 -7.10
C PRO A 118 -23.83 16.76 -6.48
N ASP A 119 -25.03 17.24 -6.16
CA ASP A 119 -25.21 18.55 -5.55
C ASP A 119 -24.86 18.60 -4.06
N LYS A 120 -24.56 17.45 -3.47
CA LYS A 120 -23.98 17.38 -2.13
C LYS A 120 -22.55 16.84 -2.14
N ASP A 121 -22.00 16.58 -3.33
CA ASP A 121 -20.64 16.06 -3.45
C ASP A 121 -19.67 17.23 -3.44
N VAL A 122 -19.36 17.74 -2.25
CA VAL A 122 -18.54 18.95 -2.15
C VAL A 122 -17.06 18.73 -2.46
N ASP A 123 -16.61 17.48 -2.47
CA ASP A 123 -15.29 17.15 -3.00
C ASP A 123 -15.23 17.44 -4.50
N GLY A 124 -16.36 17.23 -5.18
CA GLY A 124 -16.52 17.61 -6.58
C GLY A 124 -16.00 16.63 -7.62
N PHE A 125 -15.56 15.45 -7.20
CA PHE A 125 -15.03 14.44 -8.13
C PHE A 125 -16.04 13.36 -8.54
N HIS A 126 -17.30 13.48 -8.13
CA HIS A 126 -18.33 12.59 -8.67
C HIS A 126 -18.35 12.78 -10.18
N PRO A 127 -18.38 11.67 -10.96
CA PRO A 127 -18.35 11.70 -12.43
C PRO A 127 -19.28 12.71 -13.08
N TYR A 128 -20.50 12.82 -12.57
CA TYR A 128 -21.45 13.82 -13.05
C TYR A 128 -20.85 15.20 -12.92
N ASN A 129 -20.22 15.47 -11.77
CA ASN A 129 -19.61 16.80 -11.52
C ASN A 129 -18.44 17.11 -12.47
N ILE A 130 -17.64 16.12 -12.80
CA ILE A 130 -16.53 16.31 -13.72
C ILE A 130 -17.08 16.48 -15.15
N GLY A 131 -18.14 15.75 -15.45
CA GLY A 131 -18.77 15.85 -16.76
C GLY A 131 -19.38 17.22 -16.97
N ARG A 132 -20.01 17.73 -15.93
CA ARG A 132 -20.61 19.05 -15.95
C ARG A 132 -19.56 20.15 -16.11
N LEU A 133 -18.42 19.96 -15.46
CA LEU A 133 -17.25 20.83 -15.68
C LEU A 133 -16.80 20.72 -17.13
N ALA A 134 -16.69 19.50 -17.63
CA ALA A 134 -16.28 19.26 -19.01
C ALA A 134 -17.14 20.03 -19.99
N GLN A 135 -18.46 20.08 -19.76
CA GLN A 135 -19.32 20.76 -20.73
CA GLN A 135 -19.45 20.73 -20.63
C GLN A 135 -19.58 22.24 -20.39
N ARG A 136 -18.67 22.83 -19.61
CA ARG A 136 -18.67 24.28 -19.34
C ARG A 136 -19.82 24.79 -18.45
N MET A 137 -20.47 23.91 -17.71
CA MET A 137 -21.48 24.34 -16.74
C MET A 137 -21.40 23.52 -15.45
N PRO A 138 -20.35 23.75 -14.65
CA PRO A 138 -20.15 22.94 -13.45
C PRO A 138 -21.30 23.06 -12.47
N LEU A 139 -21.54 22.00 -11.72
CA LEU A 139 -22.47 22.05 -10.60
C LEU A 139 -21.61 22.34 -9.37
N LEU A 140 -20.84 21.36 -8.93
CA LEU A 140 -19.86 21.54 -7.87
C LEU A 140 -18.52 21.13 -8.47
N ARG A 141 -17.58 22.06 -8.43
CA ARG A 141 -16.30 21.86 -9.07
C ARG A 141 -15.37 21.04 -8.19
N PRO A 142 -14.58 20.14 -8.80
CA PRO A 142 -13.53 19.42 -8.06
C PRO A 142 -12.66 20.41 -7.27
N CYS A 143 -12.56 20.20 -5.96
CA CYS A 143 -12.08 21.25 -5.06
C CYS A 143 -10.59 21.54 -5.18
N THR A 144 -9.76 20.54 -5.47
CA THR A 144 -8.33 20.80 -5.61
C THR A 144 -8.04 21.63 -6.89
N PRO A 145 -8.59 21.22 -8.05
CA PRO A 145 -8.43 22.08 -9.22
C PRO A 145 -8.98 23.47 -9.01
N LYS A 146 -10.17 23.55 -8.44
CA LYS A 146 -10.76 24.84 -8.10
C LYS A 146 -9.82 25.66 -7.25
N GLY A 147 -9.17 24.99 -6.31
CA GLY A 147 -8.22 25.63 -5.41
C GLY A 147 -7.00 26.17 -6.15
N ILE A 148 -6.55 25.44 -7.17
CA ILE A 148 -5.43 25.91 -8.00
C ILE A 148 -5.87 27.10 -8.86
N MET A 149 -7.09 27.09 -9.39
CA MET A 149 -7.60 28.27 -10.14
C MET A 149 -7.63 29.50 -9.23
N THR A 150 -8.00 29.30 -7.97
CA THR A 150 -7.96 30.40 -7.00
C THR A 150 -6.52 30.89 -6.85
N LEU A 151 -5.55 29.97 -6.86
CA LEU A 151 -4.15 30.35 -6.78
C LEU A 151 -3.78 31.21 -7.99
N LEU A 152 -4.17 30.76 -9.17
CA LEU A 152 -3.88 31.54 -10.38
C LEU A 152 -4.55 32.92 -10.31
N ALA A 153 -5.76 32.97 -9.78
CA ALA A 153 -6.50 34.22 -9.65
C ALA A 153 -5.78 35.26 -8.79
N SER A 154 -5.09 34.80 -7.75
CA SER A 154 -4.37 35.66 -6.83
C SER A 154 -3.16 36.33 -7.46
N THR A 155 -2.65 35.78 -8.56
CA THR A 155 -1.52 36.39 -9.27
C THR A 155 -1.95 37.57 -10.15
N GLY A 156 -3.26 37.68 -10.37
CA GLY A 156 -3.80 38.66 -11.30
C GLY A 156 -3.51 38.37 -12.76
N ALA A 157 -3.09 37.15 -13.10
CA ALA A 157 -2.73 36.81 -14.47
C ALA A 157 -3.98 36.63 -15.32
N ASP A 158 -3.90 36.99 -16.59
CA ASP A 158 -5.01 36.79 -17.53
C ASP A 158 -4.77 35.48 -18.27
N LEU A 159 -5.53 34.45 -17.92
CA LEU A 159 -5.39 33.12 -18.49
C LEU A 159 -5.84 33.01 -19.94
N TYR A 160 -6.67 33.94 -20.40
CA TYR A 160 -7.19 33.85 -21.76
C TYR A 160 -6.03 33.87 -22.75
N GLY A 161 -5.88 32.80 -23.52
CA GLY A 161 -4.81 32.71 -24.50
C GLY A 161 -3.48 32.22 -23.95
N MET A 162 -3.37 32.00 -22.64
CA MET A 162 -2.14 31.44 -22.09
C MET A 162 -1.99 29.97 -22.51
N ASP A 163 -0.76 29.59 -22.85
CA ASP A 163 -0.44 28.20 -23.12
C ASP A 163 -0.12 27.51 -21.81
N ALA A 164 -0.99 26.59 -21.40
CA ALA A 164 -0.84 25.93 -20.11
C ALA A 164 -0.51 24.46 -20.30
N VAL A 165 0.24 23.90 -19.36
CA VAL A 165 0.60 22.49 -19.40
C VAL A 165 0.35 21.87 -18.06
N VAL A 166 -0.29 20.72 -18.09
CA VAL A 166 -0.60 19.98 -16.89
C VAL A 166 0.23 18.72 -16.88
N VAL A 167 1.01 18.56 -15.82
CA VAL A 167 1.95 17.47 -15.71
C VAL A 167 1.46 16.57 -14.60
N GLY A 168 1.02 15.38 -14.99
CA GLY A 168 0.52 14.37 -14.06
C GLY A 168 -0.90 13.98 -14.37
N ALA A 169 -1.21 13.74 -15.64
CA ALA A 169 -2.57 13.38 -16.10
C ALA A 169 -3.16 12.24 -15.30
N SER A 170 -2.34 11.23 -15.06
CA SER A 170 -2.70 10.04 -14.30
C SER A 170 -3.28 10.35 -12.91
N ASN A 171 -2.82 11.44 -12.30
CA ASN A 171 -3.34 11.88 -11.01
C ASN A 171 -4.81 12.27 -11.13
N ILE A 172 -5.54 12.08 -10.02
CA ILE A 172 -6.98 12.33 -9.95
C ILE A 172 -7.32 13.78 -10.25
N VAL A 173 -6.43 14.72 -9.93
CA VAL A 173 -6.63 16.14 -10.20
C VAL A 173 -6.38 16.53 -11.67
N GLY A 174 -5.63 15.71 -12.39
CA GLY A 174 -5.07 16.05 -13.71
C GLY A 174 -6.08 16.41 -14.79
N ARG A 175 -7.01 15.52 -15.08
CA ARG A 175 -8.05 15.79 -16.09
C ARG A 175 -8.95 16.93 -15.70
N PRO A 176 -9.44 16.91 -14.46
CA PRO A 176 -10.17 18.04 -13.91
C PRO A 176 -9.43 19.36 -14.02
N MET A 177 -8.15 19.36 -13.68
CA MET A 177 -7.34 20.56 -13.77
C MET A 177 -7.35 21.10 -15.19
N ALA A 178 -7.17 20.21 -16.17
CA ALA A 178 -7.23 20.58 -17.59
C ALA A 178 -8.58 21.18 -17.98
N LEU A 179 -9.66 20.62 -17.46
CA LEU A 179 -10.99 21.13 -17.76
C LEU A 179 -11.21 22.50 -17.13
N GLU A 180 -10.68 22.72 -15.92
CA GLU A 180 -10.72 24.03 -15.28
C GLU A 180 -9.94 25.09 -16.07
N LEU A 181 -8.73 24.74 -16.51
CA LEU A 181 -7.93 25.70 -17.25
C LEU A 181 -8.57 26.05 -18.60
N LEU A 182 -9.16 25.07 -19.29
CA LEU A 182 -9.84 25.34 -20.55
C LEU A 182 -11.03 26.28 -20.29
N LEU A 183 -11.78 25.98 -19.22
CA LEU A 183 -12.89 26.82 -18.81
C LEU A 183 -12.37 28.23 -18.51
N GLY A 184 -11.19 28.32 -17.92
CA GLY A 184 -10.57 29.61 -17.63
C GLY A 184 -9.90 30.32 -18.80
N GLY A 185 -9.99 29.77 -20.01
CA GLY A 185 -9.51 30.46 -21.21
C GLY A 185 -8.15 30.04 -21.78
N CYS A 186 -7.50 29.06 -21.15
CA CYS A 186 -6.15 28.65 -21.55
C CYS A 186 -6.17 27.66 -22.72
N THR A 187 -5.13 27.66 -23.51
CA THR A 187 -4.84 26.53 -24.36
C THR A 187 -4.19 25.50 -23.43
N VAL A 188 -4.72 24.27 -23.40
CA VAL A 188 -4.26 23.29 -22.41
C VAL A 188 -3.69 22.00 -23.04
N THR A 189 -2.43 21.72 -22.74
CA THR A 189 -1.79 20.44 -23.04
C THR A 189 -1.74 19.60 -21.78
N VAL A 190 -2.09 18.33 -21.90
CA VAL A 190 -2.02 17.40 -20.79
C VAL A 190 -0.97 16.33 -21.09
N THR A 191 0.00 16.18 -20.21
CA THR A 191 1.05 15.19 -20.36
C THR A 191 0.93 14.13 -19.26
N HIS A 192 1.63 13.02 -19.45
CA HIS A 192 1.59 11.89 -18.52
C HIS A 192 2.87 11.04 -18.71
N ARG A 193 2.95 9.91 -18.02
CA ARG A 193 4.17 9.09 -17.99
C ARG A 193 4.70 8.67 -19.35
N PHE A 194 3.81 8.63 -20.35
CA PHE A 194 4.17 8.20 -21.70
C PHE A 194 4.35 9.36 -22.68
N THR A 195 4.39 10.59 -22.17
CA THR A 195 4.64 11.75 -23.03
C THR A 195 6.07 11.70 -23.55
N ARG A 196 6.26 11.92 -24.84
CA ARG A 196 7.56 11.65 -25.49
C ARG A 196 8.65 12.63 -25.06
N ASP A 197 8.35 13.93 -25.05
CA ASP A 197 9.36 14.95 -24.79
C ASP A 197 8.80 16.03 -23.87
N LEU A 198 8.74 15.71 -22.58
CA LEU A 198 8.19 16.61 -21.56
C LEU A 198 8.83 17.99 -21.56
N ALA A 199 10.13 18.04 -21.84
CA ALA A 199 10.90 19.29 -21.77
C ALA A 199 10.41 20.33 -22.77
N ASP A 200 10.13 19.88 -23.98
CA ASP A 200 9.64 20.77 -25.02
C ASP A 200 8.24 21.26 -24.70
N HIS A 201 7.41 20.43 -24.08
CA HIS A 201 6.07 20.86 -23.73
C HIS A 201 6.14 21.91 -22.63
N VAL A 202 6.90 21.63 -21.58
CA VAL A 202 7.01 22.55 -20.46
C VAL A 202 7.62 23.88 -20.88
N SER A 203 8.68 23.84 -21.69
CA SER A 203 9.38 25.08 -22.10
C SER A 203 8.56 26.02 -22.99
N ARG A 204 7.48 25.52 -23.59
CA ARG A 204 6.60 26.39 -24.35
C ARG A 204 5.46 26.97 -23.50
N ALA A 205 5.36 26.56 -22.23
CA ALA A 205 4.21 26.86 -21.42
C ALA A 205 4.34 28.19 -20.65
N ASP A 206 3.28 29.00 -20.70
CA ASP A 206 3.16 30.20 -19.84
C ASP A 206 2.68 29.84 -18.44
N LEU A 207 2.16 28.64 -18.29
CA LEU A 207 1.58 28.17 -17.03
C LEU A 207 1.82 26.68 -16.92
N VAL A 208 2.43 26.25 -15.81
CA VAL A 208 2.76 24.86 -15.54
C VAL A 208 2.11 24.42 -14.25
N VAL A 209 1.27 23.40 -14.33
CA VAL A 209 0.68 22.79 -13.16
C VAL A 209 1.17 21.35 -13.07
N VAL A 210 1.91 21.05 -12.01
CA VAL A 210 2.54 19.75 -11.83
C VAL A 210 1.98 19.07 -10.60
N ALA A 211 1.52 17.84 -10.79
CA ALA A 211 0.97 17.03 -9.72
C ALA A 211 1.42 15.60 -9.93
N ALA A 212 2.73 15.39 -9.91
CA ALA A 212 3.35 14.19 -10.44
C ALA A 212 3.78 13.21 -9.36
N GLY A 213 4.26 13.73 -8.23
CA GLY A 213 4.83 12.87 -7.19
C GLY A 213 6.11 12.23 -7.68
N LYS A 214 6.97 13.04 -8.30
CA LYS A 214 8.24 12.58 -8.87
C LYS A 214 9.27 13.69 -8.73
N PRO A 215 10.06 13.67 -7.63
CA PRO A 215 10.94 14.78 -7.34
C PRO A 215 11.94 15.06 -8.45
N GLY A 216 12.04 16.33 -8.83
CA GLY A 216 12.93 16.78 -9.91
C GLY A 216 12.48 16.44 -11.32
N LEU A 217 11.24 15.99 -11.48
CA LEU A 217 10.74 15.62 -12.81
C LEU A 217 10.89 16.79 -13.79
N VAL A 218 10.38 17.95 -13.40
CA VAL A 218 10.49 19.13 -14.26
C VAL A 218 11.74 19.91 -13.93
N LYS A 219 12.67 19.96 -14.88
CA LYS A 219 13.91 20.65 -14.64
C LYS A 219 13.65 22.15 -14.66
N GLY A 220 14.38 22.86 -13.79
CA GLY A 220 14.21 24.30 -13.66
C GLY A 220 14.60 25.00 -14.94
N GLU A 221 15.50 24.38 -15.70
CA GLU A 221 15.88 24.89 -17.01
C GLU A 221 14.73 24.86 -18.02
N TRP A 222 13.73 24.00 -17.81
CA TRP A 222 12.62 23.88 -18.75
C TRP A 222 11.62 25.01 -18.61
N ILE A 223 11.67 25.72 -17.49
CA ILE A 223 10.67 26.74 -17.21
C ILE A 223 10.86 27.95 -18.09
N LYS A 224 9.81 28.34 -18.80
CA LYS A 224 9.84 29.54 -19.64
C LYS A 224 9.94 30.81 -18.78
N GLU A 225 10.77 31.76 -19.23
CA GLU A 225 10.88 33.04 -18.57
C GLU A 225 9.48 33.67 -18.50
N GLY A 226 9.06 34.04 -17.28
CA GLY A 226 7.76 34.67 -17.05
C GLY A 226 6.60 33.72 -16.78
N ALA A 227 6.88 32.41 -16.74
CA ALA A 227 5.85 31.43 -16.52
C ALA A 227 5.34 31.43 -15.08
N ILE A 228 4.12 30.94 -14.91
CA ILE A 228 3.55 30.67 -13.61
C ILE A 228 3.69 29.17 -13.37
N VAL A 229 4.22 28.82 -12.20
CA VAL A 229 4.53 27.42 -11.88
C VAL A 229 3.85 27.03 -10.58
N ILE A 230 2.94 26.06 -10.66
CA ILE A 230 2.24 25.52 -9.52
C ILE A 230 2.71 24.08 -9.34
N ASP A 231 3.25 23.77 -8.17
CA ASP A 231 3.82 22.45 -7.87
C ASP A 231 3.11 21.92 -6.64
N VAL A 232 2.18 20.99 -6.84
CA VAL A 232 1.31 20.50 -5.76
C VAL A 232 1.48 19.01 -5.41
N GLY A 233 2.32 18.29 -6.17
CA GLY A 233 2.53 16.86 -5.94
C GLY A 233 1.26 16.02 -6.08
N ILE A 234 1.29 14.82 -5.51
CA ILE A 234 0.15 13.91 -5.64
C ILE A 234 -0.75 13.82 -4.40
N ASN A 235 -0.29 14.35 -3.27
CA ASN A 235 -1.13 14.39 -2.07
C ASN A 235 -1.90 15.71 -1.95
N ARG A 236 -3.18 15.64 -2.26
CA ARG A 236 -4.08 16.80 -2.25
C ARG A 236 -4.56 17.21 -0.86
N GLN A 237 -4.31 16.39 0.16
CA GLN A 237 -4.77 16.66 1.53
CA GLN A 237 -4.78 16.67 1.51
C GLN A 237 -3.69 17.26 2.42
N ALA A 238 -2.43 16.95 2.14
CA ALA A 238 -1.31 17.51 2.90
C ALA A 238 -0.01 17.41 2.11
N ASP A 239 0.70 18.53 2.02
CA ASP A 239 1.98 18.57 1.31
C ASP A 239 3.09 18.58 2.34
N GLY A 240 3.78 17.45 2.47
CA GLY A 240 4.89 17.31 3.40
C GLY A 240 6.21 17.08 2.70
N ARG A 241 6.27 17.36 1.41
CA ARG A 241 7.47 17.09 0.62
C ARG A 241 8.57 18.09 0.95
N LEU A 242 9.81 17.62 0.96
CA LEU A 242 10.95 18.50 1.18
C LEU A 242 11.46 19.02 -0.17
N VAL A 243 11.22 18.24 -1.23
CA VAL A 243 11.55 18.67 -2.58
C VAL A 243 10.37 18.41 -3.51
N GLY A 244 10.05 19.39 -4.34
CA GLY A 244 8.92 19.31 -5.21
C GLY A 244 9.20 18.66 -6.54
N ASP A 245 8.14 18.50 -7.32
CA ASP A 245 8.22 17.97 -8.68
C ASP A 245 9.00 18.91 -9.60
N VAL A 246 9.02 20.20 -9.27
CA VAL A 246 9.82 21.18 -10.01
C VAL A 246 11.09 21.52 -9.25
N GLU A 247 12.20 21.60 -9.96
CA GLU A 247 13.48 21.98 -9.39
C GLU A 247 13.45 23.47 -9.09
N TYR A 248 13.33 23.80 -7.80
CA TYR A 248 12.84 25.11 -7.41
C TYR A 248 13.76 26.29 -7.75
N GLU A 249 15.06 26.12 -7.54
CA GLU A 249 15.99 27.25 -7.56
C GLU A 249 15.99 27.99 -8.89
N VAL A 250 16.34 27.27 -9.96
CA VAL A 250 16.29 27.80 -11.30
C VAL A 250 14.85 28.17 -11.70
N ALA A 251 13.90 27.29 -11.40
CA ALA A 251 12.48 27.58 -11.66
C ALA A 251 12.10 28.97 -11.16
N ALA A 252 12.47 29.25 -9.91
CA ALA A 252 12.24 30.54 -9.26
C ALA A 252 13.03 31.70 -9.87
N GLN A 253 14.13 31.41 -10.56
CA GLN A 253 14.89 32.43 -11.28
C GLN A 253 14.16 32.90 -12.55
N ARG A 254 13.35 32.03 -13.10
CA ARG A 254 12.71 32.30 -14.39
C ARG A 254 11.21 32.56 -14.30
N ALA A 255 10.52 31.96 -13.34
CA ALA A 255 9.07 32.14 -13.22
C ALA A 255 8.74 33.54 -12.75
N SER A 256 7.55 34.03 -13.11
CA SER A 256 7.02 35.26 -12.53
C SER A 256 6.32 34.96 -11.21
N TRP A 257 5.79 33.75 -11.09
CA TRP A 257 5.06 33.33 -9.91
C TRP A 257 5.30 31.85 -9.69
N ILE A 258 5.51 31.46 -8.44
CA ILE A 258 5.75 30.06 -8.09
C ILE A 258 5.23 29.71 -6.69
N THR A 259 4.74 28.49 -6.54
CA THR A 259 4.33 27.98 -5.24
C THR A 259 5.53 27.34 -4.54
N PRO A 260 5.91 27.82 -3.35
CA PRO A 260 6.97 27.11 -2.65
C PRO A 260 6.56 25.70 -2.30
N VAL A 261 7.54 24.84 -2.06
CA VAL A 261 7.29 23.46 -1.70
C VAL A 261 8.02 23.15 -0.38
N PRO A 262 7.31 22.62 0.63
CA PRO A 262 5.91 22.24 0.62
C PRO A 262 4.94 23.44 0.62
N GLY A 263 3.81 23.29 -0.06
CA GLY A 263 2.85 24.38 -0.26
C GLY A 263 1.50 24.13 0.39
N GLY A 264 0.49 24.87 -0.07
CA GLY A 264 -0.81 24.92 0.57
C GLY A 264 -1.91 24.09 -0.08
N VAL A 265 -1.57 23.05 -0.84
CA VAL A 265 -2.59 22.29 -1.57
C VAL A 265 -3.65 21.70 -0.65
N GLY A 266 -3.25 21.21 0.51
CA GLY A 266 -4.18 20.68 1.50
C GLY A 266 -5.16 21.72 2.03
N PRO A 267 -4.65 22.85 2.54
CA PRO A 267 -5.56 23.90 3.02
C PRO A 267 -6.47 24.48 1.90
N MET A 268 -5.93 24.70 0.71
CA MET A 268 -6.75 25.13 -0.43
C MET A 268 -7.84 24.11 -0.79
N THR A 269 -7.50 22.83 -0.75
CA THR A 269 -8.44 21.75 -1.05
C THR A 269 -9.58 21.78 -0.02
N ARG A 270 -9.24 21.89 1.26
CA ARG A 270 -10.27 21.95 2.31
C ARG A 270 -11.08 23.24 2.23
N ALA A 271 -10.43 24.37 1.97
CA ALA A 271 -11.13 25.65 1.84
C ALA A 271 -12.15 25.63 0.69
N CYS A 272 -11.76 25.11 -0.46
CA CYS A 272 -12.68 25.02 -1.61
C CYS A 272 -13.77 23.97 -1.43
N LEU A 273 -13.46 22.95 -0.63
CA LEU A 273 -14.43 21.96 -0.20
C LEU A 273 -15.55 22.63 0.62
N LEU A 274 -15.16 23.52 1.53
CA LEU A 274 -16.13 24.25 2.33
C LEU A 274 -16.85 25.25 1.45
N GLU A 275 -16.09 25.99 0.65
CA GLU A 275 -16.65 26.92 -0.32
C GLU A 275 -17.74 26.24 -1.16
N ASN A 276 -17.50 24.99 -1.56
CA ASN A 276 -18.50 24.18 -2.26
C ASN A 276 -19.76 23.93 -1.43
N THR A 277 -19.56 23.60 -0.15
CA THR A 277 -20.66 23.33 0.79
C THR A 277 -21.56 24.55 0.92
N LEU A 278 -20.95 25.72 1.07
CA LEU A 278 -21.67 26.98 1.17
C LEU A 278 -22.43 27.30 -0.10
N HIS A 279 -21.75 27.23 -1.24
CA HIS A 279 -22.38 27.44 -2.54
C HIS A 279 -23.60 26.55 -2.69
N ALA A 280 -23.43 25.27 -2.38
CA ALA A 280 -24.55 24.31 -2.41
C ALA A 280 -25.74 24.82 -1.62
N ALA A 281 -25.47 25.34 -0.43
CA ALA A 281 -26.54 25.86 0.45
C ALA A 281 -27.19 27.10 -0.12
N GLU A 282 -26.38 28.00 -0.66
CA GLU A 282 -26.87 29.28 -1.17
C GLU A 282 -27.61 29.16 -2.51
N HIS A 283 -27.26 28.14 -3.27
CA HIS A 283 -27.58 28.11 -4.70
C HIS A 283 -28.30 26.82 -5.14
N LEU A 284 -28.02 25.68 -4.51
CA LEU A 284 -28.56 24.40 -4.96
C LEU A 284 -29.67 23.80 -4.09
N HIS A 285 -29.74 24.19 -2.82
CA HIS A 285 -30.63 23.51 -1.88
C HIS A 285 -31.75 24.38 -1.31
N ASP A 286 -31.97 25.54 -1.93
CA ASP A 286 -33.13 26.43 -1.70
C ASP A 286 -32.70 27.83 -1.23
N MET B 3 -3.18 14.24 -52.58
CA MET B 3 -2.00 13.83 -53.39
C MET B 3 -1.46 12.46 -52.95
N THR B 4 -0.97 12.37 -51.71
CA THR B 4 -0.15 11.21 -51.28
C THR B 4 -0.54 10.55 -49.94
N ALA B 5 -1.61 11.02 -49.31
CA ALA B 5 -2.05 10.49 -48.02
C ALA B 5 -3.08 9.36 -48.21
N GLN B 6 -2.84 8.22 -47.54
CA GLN B 6 -3.85 7.16 -47.46
C GLN B 6 -5.13 7.76 -46.89
N LEU B 7 -6.26 7.51 -47.57
CA LEU B 7 -7.53 8.15 -47.18
C LEU B 7 -8.23 7.34 -46.10
N ILE B 8 -8.64 8.01 -45.04
CA ILE B 8 -9.53 7.40 -44.05
C ILE B 8 -10.95 7.51 -44.60
N ASP B 9 -11.61 6.37 -44.80
CA ASP B 9 -12.95 6.32 -45.36
C ASP B 9 -13.93 5.94 -44.25
N GLY B 10 -14.56 6.95 -43.65
CA GLY B 10 -15.46 6.75 -42.53
C GLY B 10 -16.76 6.08 -42.90
N LYS B 11 -17.18 6.27 -44.14
CA LYS B 11 -18.40 5.66 -44.65
C LYS B 11 -18.24 4.14 -44.80
N ALA B 12 -17.10 3.70 -45.31
CA ALA B 12 -16.81 2.25 -45.41
C ALA B 12 -16.77 1.64 -44.01
N ILE B 13 -15.98 2.24 -43.14
CA ILE B 13 -15.84 1.74 -41.78
C ILE B 13 -17.19 1.67 -41.07
N ALA B 14 -18.01 2.69 -41.27
CA ALA B 14 -19.36 2.72 -40.66
C ALA B 14 -20.23 1.60 -41.20
N ALA B 15 -20.20 1.39 -42.53
CA ALA B 15 -20.95 0.30 -43.14
C ALA B 15 -20.46 -1.06 -42.64
N ASN B 16 -19.13 -1.22 -42.56
CA ASN B 16 -18.54 -2.43 -41.99
C ASN B 16 -18.97 -2.67 -40.54
N LEU B 17 -19.01 -1.59 -39.75
CA LEU B 17 -19.44 -1.70 -38.37
C LEU B 17 -20.93 -2.08 -38.24
N ARG B 18 -21.78 -1.55 -39.12
CA ARG B 18 -23.21 -1.89 -39.10
C ARG B 18 -23.45 -3.38 -39.38
N GLN B 19 -22.64 -3.96 -40.29
CA GLN B 19 -22.72 -5.39 -40.58
C GLN B 19 -22.43 -6.23 -39.35
N GLN B 20 -21.32 -5.90 -38.68
CA GLN B 20 -20.90 -6.60 -37.48
C GLN B 20 -21.95 -6.56 -36.40
N ILE B 21 -22.55 -5.40 -36.20
CA ILE B 21 -23.64 -5.27 -35.25
C ILE B 21 -24.78 -6.16 -35.72
N ALA B 22 -25.11 -6.05 -37.01
CA ALA B 22 -26.14 -6.89 -37.63
C ALA B 22 -25.88 -8.39 -37.45
N GLN B 23 -24.65 -8.83 -37.77
CA GLN B 23 -24.28 -10.25 -37.66
C GLN B 23 -24.33 -10.69 -36.21
N ARG B 24 -23.92 -9.81 -35.30
CA ARG B 24 -24.03 -10.14 -33.87
C ARG B 24 -25.50 -10.23 -33.41
N VAL B 25 -26.36 -9.37 -33.97
CA VAL B 25 -27.78 -9.37 -33.62
C VAL B 25 -28.45 -10.65 -34.11
N THR B 26 -28.14 -11.01 -35.36
CA THR B 26 -28.59 -12.26 -35.95
C THR B 26 -28.12 -13.47 -35.15
N GLU B 27 -26.91 -13.39 -34.60
CA GLU B 27 -26.40 -14.45 -33.73
C GLU B 27 -27.23 -14.55 -32.45
N ARG B 28 -27.45 -13.42 -31.78
CA ARG B 28 -28.35 -13.39 -30.63
C ARG B 28 -29.74 -13.90 -30.98
N ARG B 29 -30.23 -13.53 -32.16
CA ARG B 29 -31.57 -13.92 -32.61
C ARG B 29 -31.63 -15.43 -32.89
N GLN B 30 -30.58 -15.97 -33.49
CA GLN B 30 -30.45 -17.42 -33.71
C GLN B 30 -30.30 -18.20 -32.39
N GLN B 31 -29.81 -17.50 -31.36
CA GLN B 31 -29.54 -18.13 -30.06
C GLN B 31 -30.58 -17.84 -28.98
N GLY B 32 -31.73 -17.27 -29.37
CA GLY B 32 -32.82 -16.99 -28.43
C GLY B 32 -32.55 -15.89 -27.40
N LEU B 33 -31.46 -15.15 -27.58
CA LEU B 33 -31.10 -14.06 -26.65
C LEU B 33 -31.85 -12.79 -27.08
N ARG B 34 -32.05 -11.89 -26.12
CA ARG B 34 -32.86 -10.68 -26.34
C ARG B 34 -32.23 -9.72 -27.36
N VAL B 35 -33.07 -9.18 -28.24
CA VAL B 35 -32.62 -8.21 -29.24
C VAL B 35 -32.51 -6.84 -28.56
N PRO B 36 -31.43 -6.10 -28.80
CA PRO B 36 -31.32 -4.80 -28.18
C PRO B 36 -32.44 -3.90 -28.64
N GLY B 37 -32.85 -2.98 -27.77
CA GLY B 37 -33.95 -2.06 -28.07
C GLY B 37 -33.48 -0.63 -27.98
N LEU B 38 -33.92 0.20 -28.92
CA LEU B 38 -33.55 1.61 -28.96
C LEU B 38 -34.80 2.45 -29.03
N ALA B 39 -35.00 3.31 -28.03
CA ALA B 39 -36.09 4.28 -28.04
C ALA B 39 -35.55 5.61 -28.57
N VAL B 40 -36.06 6.04 -29.73
CA VAL B 40 -35.64 7.29 -30.36
C VAL B 40 -36.76 8.33 -30.27
N ILE B 41 -36.48 9.41 -29.55
CA ILE B 41 -37.46 10.46 -29.33
C ILE B 41 -37.21 11.68 -30.23
N LEU B 42 -38.25 12.06 -30.96
CA LEU B 42 -38.26 13.29 -31.76
C LEU B 42 -39.38 14.18 -31.23
N VAL B 43 -39.04 15.42 -30.92
CA VAL B 43 -40.02 16.42 -30.48
C VAL B 43 -40.04 17.57 -31.48
N GLY B 44 -41.21 17.85 -32.03
CA GLY B 44 -41.37 18.92 -33.02
C GLY B 44 -41.27 18.38 -34.44
N THR B 45 -41.09 19.30 -35.40
CA THR B 45 -41.12 18.94 -36.82
C THR B 45 -40.08 19.67 -37.68
N ASP B 46 -38.93 20.01 -37.10
CA ASP B 46 -37.84 20.62 -37.86
C ASP B 46 -37.35 19.68 -38.97
N PRO B 47 -37.30 20.16 -40.22
CA PRO B 47 -36.93 19.34 -41.39
C PRO B 47 -35.60 18.59 -41.27
N ALA B 48 -34.55 19.28 -40.81
CA ALA B 48 -33.25 18.63 -40.61
C ALA B 48 -33.34 17.59 -39.49
N SER B 49 -34.07 17.91 -38.43
CA SER B 49 -34.27 16.97 -37.31
C SER B 49 -35.05 15.74 -37.74
N GLN B 50 -36.02 15.93 -38.64
CA GLN B 50 -36.74 14.79 -39.21
C GLN B 50 -35.80 13.92 -40.05
N VAL B 51 -35.01 14.57 -40.90
CA VAL B 51 -34.03 13.86 -41.73
C VAL B 51 -33.06 13.04 -40.89
N TYR B 52 -32.53 13.66 -39.83
CA TYR B 52 -31.52 12.98 -38.99
C TYR B 52 -32.07 11.79 -38.23
N VAL B 53 -33.30 11.89 -37.71
CA VAL B 53 -33.93 10.75 -37.05
C VAL B 53 -34.22 9.63 -38.05
N ALA B 54 -34.68 10.01 -39.25
CA ALA B 54 -34.85 9.08 -40.35
C ALA B 54 -33.58 8.26 -40.56
N HIS B 55 -32.44 8.95 -40.67
CA HIS B 55 -31.14 8.30 -40.83
C HIS B 55 -30.85 7.36 -39.67
N LYS B 56 -31.06 7.85 -38.44
CA LYS B 56 -30.87 7.02 -37.24
C LYS B 56 -31.75 5.77 -37.30
N ARG B 57 -32.98 5.92 -37.76
CA ARG B 57 -33.96 4.81 -37.76
C ARG B 57 -33.81 3.83 -38.93
N LYS B 58 -33.30 4.30 -40.06
CA LYS B 58 -32.86 3.39 -41.13
C LYS B 58 -31.74 2.50 -40.58
N ASP B 59 -30.68 3.12 -40.07
CA ASP B 59 -29.56 2.38 -39.50
C ASP B 59 -30.03 1.40 -38.40
N CYS B 60 -30.87 1.88 -37.49
CA CYS B 60 -31.42 1.05 -36.41
C CYS B 60 -32.19 -0.18 -36.91
N GLU B 61 -32.89 -0.06 -38.04
CA GLU B 61 -33.58 -1.19 -38.64
C GLU B 61 -32.64 -2.11 -39.41
N GLU B 62 -31.62 -1.54 -40.05
CA GLU B 62 -30.63 -2.32 -40.79
C GLU B 62 -29.94 -3.34 -39.87
N VAL B 63 -29.54 -2.92 -38.67
CA VAL B 63 -28.86 -3.87 -37.76
C VAL B 63 -29.81 -4.74 -36.94
N GLY B 64 -31.12 -4.61 -37.16
CA GLY B 64 -32.10 -5.51 -36.60
C GLY B 64 -32.47 -5.32 -35.13
N PHE B 65 -32.23 -4.11 -34.59
CA PHE B 65 -32.67 -3.76 -33.25
C PHE B 65 -34.18 -3.61 -33.17
N LEU B 66 -34.73 -3.74 -31.97
CA LEU B 66 -36.09 -3.30 -31.67
C LEU B 66 -36.11 -1.78 -31.59
N SER B 67 -36.97 -1.14 -32.39
CA SER B 67 -37.10 0.32 -32.39
C SER B 67 -38.41 0.73 -31.74
N GLN B 68 -38.35 1.75 -30.90
CA GLN B 68 -39.54 2.46 -30.42
C GLN B 68 -39.39 3.92 -30.83
N ALA B 69 -40.33 4.40 -31.64
CA ALA B 69 -40.31 5.77 -32.16
C ALA B 69 -41.30 6.62 -31.41
N TYR B 70 -40.86 7.76 -30.91
CA TYR B 70 -41.72 8.74 -30.28
C TYR B 70 -41.56 10.04 -31.03
N ASP B 71 -42.41 10.24 -32.03
CA ASP B 71 -42.51 11.50 -32.74
C ASP B 71 -43.55 12.35 -32.03
N LEU B 72 -43.11 13.12 -31.05
CA LEU B 72 -44.00 13.96 -30.23
C LEU B 72 -44.20 15.33 -30.87
N PRO B 73 -45.32 15.99 -30.57
CA PRO B 73 -45.59 17.34 -31.06
C PRO B 73 -44.74 18.40 -30.36
N ALA B 74 -44.47 19.51 -31.05
CA ALA B 74 -43.55 20.53 -30.54
C ALA B 74 -44.00 21.15 -29.22
N GLU B 75 -45.31 21.17 -28.98
CA GLU B 75 -45.85 21.72 -27.72
C GLU B 75 -45.75 20.76 -26.53
N THR B 76 -45.30 19.53 -26.76
CA THR B 76 -45.21 18.55 -25.68
C THR B 76 -44.58 19.13 -24.42
N SER B 77 -45.29 18.98 -23.29
CA SER B 77 -44.80 19.42 -21.99
C SER B 77 -43.48 18.78 -21.58
N GLN B 78 -42.66 19.54 -20.86
CA GLN B 78 -41.39 19.01 -20.32
C GLN B 78 -41.66 17.89 -19.30
N ASP B 79 -42.70 18.07 -18.49
CA ASP B 79 -43.06 17.08 -17.48
C ASP B 79 -43.51 15.79 -18.15
N ASP B 80 -44.41 15.89 -19.14
CA ASP B 80 -44.83 14.72 -19.91
C ASP B 80 -43.64 14.00 -20.54
N LEU B 81 -42.65 14.76 -21.00
CA LEU B 81 -41.45 14.18 -21.60
C LEU B 81 -40.56 13.52 -20.54
N LEU B 82 -40.51 14.12 -19.36
CA LEU B 82 -39.83 13.50 -18.19
C LEU B 82 -40.41 12.13 -17.90
N ALA B 83 -41.73 12.05 -17.81
CA ALA B 83 -42.43 10.80 -17.51
C ALA B 83 -42.20 9.74 -18.59
N LEU B 84 -42.11 10.18 -19.84
CA LEU B 84 -41.76 9.28 -20.95
C LEU B 84 -40.37 8.71 -20.71
N ILE B 85 -39.43 9.57 -20.37
CA ILE B 85 -38.05 9.16 -20.09
C ILE B 85 -38.03 8.19 -18.90
N ASP B 86 -38.81 8.48 -17.87
CA ASP B 86 -38.87 7.62 -16.69
C ASP B 86 -39.33 6.20 -17.03
N ARG B 87 -40.38 6.08 -17.84
CA ARG B 87 -40.90 4.76 -18.20
C ARG B 87 -39.88 3.98 -19.04
N LEU B 88 -39.28 4.66 -20.00
CA LEU B 88 -38.25 4.06 -20.84
C LEU B 88 -37.03 3.61 -20.03
N ASN B 89 -36.69 4.35 -18.98
CA ASN B 89 -35.56 3.98 -18.12
C ASN B 89 -35.80 2.63 -17.43
N ASP B 90 -37.05 2.35 -17.05
CA ASP B 90 -37.41 1.15 -16.31
C ASP B 90 -37.87 -0.02 -17.20
N ASP B 91 -37.89 0.17 -18.52
CA ASP B 91 -38.29 -0.88 -19.46
C ASP B 91 -37.10 -1.78 -19.79
N PRO B 92 -37.15 -3.06 -19.40
CA PRO B 92 -36.01 -3.94 -19.60
C PRO B 92 -35.75 -4.31 -21.06
N ALA B 93 -36.75 -4.09 -21.92
CA ALA B 93 -36.60 -4.27 -23.36
C ALA B 93 -35.83 -3.11 -24.02
N ILE B 94 -35.68 -1.98 -23.33
CA ILE B 94 -35.02 -0.81 -23.93
C ILE B 94 -33.60 -0.62 -23.41
N ASP B 95 -32.62 -0.68 -24.30
CA ASP B 95 -31.21 -0.55 -23.93
C ASP B 95 -30.64 0.85 -24.12
N GLY B 96 -31.21 1.59 -25.07
CA GLY B 96 -30.72 2.93 -25.38
C GLY B 96 -31.84 3.94 -25.52
N ILE B 97 -31.70 5.08 -24.87
CA ILE B 97 -32.69 6.15 -25.00
C ILE B 97 -32.01 7.34 -25.64
N LEU B 98 -32.55 7.75 -26.79
CA LEU B 98 -31.94 8.78 -27.63
C LEU B 98 -32.94 9.92 -27.84
N VAL B 99 -32.49 11.15 -27.64
CA VAL B 99 -33.33 12.35 -27.87
C VAL B 99 -32.74 13.19 -29.00
N GLN B 100 -33.47 13.32 -30.10
CA GLN B 100 -32.99 14.11 -31.23
C GLN B 100 -32.94 15.59 -30.83
N LEU B 101 -31.80 16.22 -31.14
CA LEU B 101 -31.59 17.63 -30.87
C LEU B 101 -31.60 18.44 -32.16
N PRO B 102 -31.91 19.74 -32.07
CA PRO B 102 -32.30 20.43 -30.85
C PRO B 102 -33.74 20.16 -30.43
N LEU B 103 -34.01 20.40 -29.16
CA LEU B 103 -35.37 20.39 -28.65
C LEU B 103 -35.98 21.76 -28.91
N PRO B 104 -37.31 21.83 -28.86
CA PRO B 104 -37.95 23.14 -28.77
C PRO B 104 -37.41 23.90 -27.56
N ALA B 105 -37.20 25.21 -27.72
CA ALA B 105 -36.47 26.03 -26.74
C ALA B 105 -37.13 26.13 -25.37
N HIS B 106 -38.42 25.84 -25.29
CA HIS B 106 -39.17 25.94 -24.04
C HIS B 106 -38.88 24.80 -23.05
N LEU B 107 -38.12 23.79 -23.48
CA LEU B 107 -37.74 22.69 -22.60
C LEU B 107 -36.30 22.86 -22.09
N ASP B 108 -36.11 22.56 -20.80
CA ASP B 108 -34.76 22.53 -20.23
C ASP B 108 -34.07 21.27 -20.70
N ALA B 109 -33.39 21.38 -21.84
CA ALA B 109 -32.81 20.23 -22.52
C ALA B 109 -31.75 19.48 -21.70
N SER B 110 -31.10 20.18 -20.76
CA SER B 110 -30.13 19.53 -19.89
C SER B 110 -30.83 18.61 -18.89
N LEU B 111 -31.88 19.09 -18.26
CA LEU B 111 -32.58 18.31 -17.25
C LEU B 111 -33.21 17.04 -17.83
N LEU B 112 -33.76 17.18 -19.04
CA LEU B 112 -34.34 16.05 -19.76
C LEU B 112 -33.28 15.03 -20.19
N LEU B 113 -32.19 15.49 -20.78
CA LEU B 113 -31.13 14.59 -21.22
C LEU B 113 -30.45 13.87 -20.04
N GLU B 114 -30.28 14.59 -18.94
CA GLU B 114 -29.69 14.02 -17.74
C GLU B 114 -30.62 13.05 -17.00
N ARG B 115 -31.91 13.10 -17.31
CA ARG B 115 -32.87 12.18 -16.72
C ARG B 115 -32.61 10.75 -17.19
N ILE B 116 -32.18 10.62 -18.44
CA ILE B 116 -31.80 9.33 -19.01
C ILE B 116 -30.73 8.70 -18.13
N HIS B 117 -30.88 7.41 -17.82
CA HIS B 117 -29.85 6.71 -17.06
C HIS B 117 -28.59 6.65 -17.94
N PRO B 118 -27.42 7.02 -17.40
CA PRO B 118 -26.21 7.00 -18.22
C PRO B 118 -26.06 5.64 -18.88
N ASP B 119 -26.53 4.66 -18.15
CA ASP B 119 -26.75 3.30 -18.56
C ASP B 119 -27.43 3.09 -19.92
N LYS B 120 -28.37 3.95 -20.26
CA LYS B 120 -29.10 3.85 -21.52
C LYS B 120 -28.79 5.04 -22.43
N ASP B 121 -27.82 5.86 -22.02
CA ASP B 121 -27.37 7.02 -22.80
C ASP B 121 -26.41 6.56 -23.89
N VAL B 122 -26.95 6.02 -24.97
CA VAL B 122 -26.15 5.49 -26.07
C VAL B 122 -25.47 6.57 -26.90
N ASP B 123 -26.01 7.79 -26.86
CA ASP B 123 -25.32 8.95 -27.43
C ASP B 123 -24.00 9.20 -26.65
N GLY B 124 -24.10 9.05 -25.33
CA GLY B 124 -22.92 9.02 -24.47
C GLY B 124 -22.45 10.34 -23.91
N PHE B 125 -23.22 11.41 -24.14
CA PHE B 125 -22.81 12.74 -23.69
C PHE B 125 -23.39 13.16 -22.35
N HIS B 126 -24.11 12.25 -21.70
CA HIS B 126 -24.53 12.45 -20.30
C HIS B 126 -23.29 12.80 -19.49
N PRO B 127 -23.37 13.82 -18.60
CA PRO B 127 -22.19 14.22 -17.82
C PRO B 127 -21.54 13.05 -17.06
N TYR B 128 -22.34 12.15 -16.50
CA TYR B 128 -21.83 10.96 -15.84
C TYR B 128 -20.91 10.20 -16.78
N ASN B 129 -21.41 9.90 -17.98
CA ASN B 129 -20.62 9.19 -18.98
C ASN B 129 -19.33 9.91 -19.33
N ILE B 130 -19.37 11.23 -19.47
CA ILE B 130 -18.16 12.00 -19.78
C ILE B 130 -17.19 11.97 -18.58
N GLY B 131 -17.73 12.06 -17.39
CA GLY B 131 -16.92 11.93 -16.19
C GLY B 131 -16.24 10.59 -16.03
N ARG B 132 -16.96 9.52 -16.38
CA ARG B 132 -16.40 8.16 -16.30
C ARG B 132 -15.28 7.98 -17.29
N LEU B 133 -15.44 8.58 -18.47
CA LEU B 133 -14.40 8.62 -19.51
C LEU B 133 -13.20 9.42 -19.03
N ALA B 134 -13.47 10.56 -18.41
CA ALA B 134 -12.43 11.42 -17.83
C ALA B 134 -11.55 10.68 -16.82
N GLN B 135 -12.17 9.80 -16.04
CA GLN B 135 -11.43 9.07 -15.01
CA GLN B 135 -11.46 9.05 -15.01
C GLN B 135 -11.08 7.65 -15.47
N ARG B 136 -10.89 7.49 -16.78
CA ARG B 136 -10.34 6.26 -17.39
C ARG B 136 -11.21 5.01 -17.24
N MET B 137 -12.47 5.17 -16.88
CA MET B 137 -13.35 4.04 -16.60
C MET B 137 -14.70 4.24 -17.30
N PRO B 138 -14.69 4.33 -18.63
CA PRO B 138 -15.88 4.73 -19.36
C PRO B 138 -17.03 3.74 -19.20
N LEU B 139 -18.25 4.27 -19.17
CA LEU B 139 -19.46 3.46 -19.11
C LEU B 139 -20.01 3.31 -20.53
N LEU B 140 -20.57 4.37 -21.08
CA LEU B 140 -20.87 4.42 -22.50
C LEU B 140 -20.11 5.61 -23.06
N ARG B 141 -19.32 5.37 -24.10
CA ARG B 141 -18.47 6.43 -24.64
C ARG B 141 -19.25 7.33 -25.58
N PRO B 142 -19.04 8.65 -25.46
CA PRO B 142 -19.63 9.60 -26.41
C PRO B 142 -19.36 9.12 -27.83
N CYS B 143 -20.40 9.06 -28.65
CA CYS B 143 -20.34 8.22 -29.85
C CYS B 143 -19.52 8.87 -30.96
N THR B 144 -19.62 10.18 -31.10
CA THR B 144 -18.83 10.86 -32.12
C THR B 144 -17.32 10.75 -31.82
N PRO B 145 -16.88 11.10 -30.59
CA PRO B 145 -15.47 10.86 -30.30
C PRO B 145 -15.05 9.39 -30.43
N LYS B 146 -15.89 8.46 -30.00
CA LYS B 146 -15.59 7.02 -30.15
C LYS B 146 -15.37 6.67 -31.62
N GLY B 147 -16.23 7.19 -32.48
CA GLY B 147 -16.12 7.01 -33.90
C GLY B 147 -14.81 7.52 -34.45
N ILE B 148 -14.35 8.67 -33.97
CA ILE B 148 -13.06 9.22 -34.38
C ILE B 148 -11.92 8.30 -33.89
N MET B 149 -12.07 7.73 -32.69
CA MET B 149 -11.07 6.76 -32.20
C MET B 149 -11.02 5.52 -33.09
N THR B 150 -12.16 5.08 -33.59
CA THR B 150 -12.23 3.94 -34.51
C THR B 150 -11.53 4.25 -35.84
N LEU B 151 -11.79 5.44 -36.38
CA LEU B 151 -11.09 5.91 -37.58
C LEU B 151 -9.59 5.82 -37.39
N LEU B 152 -9.12 6.27 -36.22
CA LEU B 152 -7.70 6.22 -35.89
C LEU B 152 -7.20 4.78 -35.74
N ALA B 153 -7.98 3.92 -35.08
CA ALA B 153 -7.59 2.51 -34.92
C ALA B 153 -7.41 1.80 -36.26
N SER B 154 -8.21 2.18 -37.26
CA SER B 154 -8.15 1.57 -38.61
C SER B 154 -6.88 1.93 -39.38
N THR B 155 -6.19 2.98 -38.95
CA THR B 155 -4.91 3.34 -39.56
C THR B 155 -3.79 2.40 -39.11
N GLY B 156 -4.03 1.72 -37.99
CA GLY B 156 -3.03 0.85 -37.37
C GLY B 156 -1.98 1.60 -36.58
N ALA B 157 -2.19 2.88 -36.33
CA ALA B 157 -1.18 3.72 -35.67
C ALA B 157 -1.10 3.46 -34.18
N ASP B 158 0.07 3.68 -33.58
CA ASP B 158 0.17 3.63 -32.12
C ASP B 158 0.01 5.04 -31.56
N LEU B 159 -1.06 5.24 -30.79
CA LEU B 159 -1.36 6.54 -30.19
C LEU B 159 -0.47 6.89 -28.99
N TYR B 160 0.28 5.91 -28.48
CA TYR B 160 1.07 6.10 -27.27
C TYR B 160 2.24 7.04 -27.50
N GLY B 161 2.25 8.14 -26.74
CA GLY B 161 3.25 9.18 -26.92
C GLY B 161 3.14 10.00 -28.19
N MET B 162 2.03 9.88 -28.92
CA MET B 162 1.78 10.78 -30.04
C MET B 162 1.36 12.14 -29.50
N ASP B 163 1.79 13.21 -30.16
CA ASP B 163 1.30 14.55 -29.85
C ASP B 163 0.03 14.85 -30.67
N ALA B 164 -1.12 14.87 -30.00
CA ALA B 164 -2.41 15.13 -30.65
C ALA B 164 -2.88 16.55 -30.35
N VAL B 165 -3.57 17.16 -31.30
CA VAL B 165 -4.20 18.45 -31.09
C VAL B 165 -5.65 18.37 -31.53
N VAL B 166 -6.54 18.84 -30.65
CA VAL B 166 -7.96 18.93 -30.93
C VAL B 166 -8.29 20.40 -31.17
N VAL B 167 -8.77 20.71 -32.37
CA VAL B 167 -9.15 22.06 -32.74
C VAL B 167 -10.67 22.18 -32.72
N GLY B 168 -11.22 22.65 -31.60
CA GLY B 168 -12.67 22.94 -31.48
C GLY B 168 -13.28 22.83 -30.08
N ALA B 169 -12.61 23.37 -29.07
CA ALA B 169 -13.09 23.28 -27.68
C ALA B 169 -14.56 23.73 -27.54
N SER B 170 -14.89 24.84 -28.22
CA SER B 170 -16.28 25.27 -28.43
C SER B 170 -17.27 24.09 -28.65
N ASN B 171 -16.90 23.18 -29.55
CA ASN B 171 -17.77 22.06 -29.92
C ASN B 171 -18.01 21.08 -28.78
N ILE B 172 -19.18 20.45 -28.80
CA ILE B 172 -19.62 19.50 -27.77
C ILE B 172 -18.74 18.26 -27.78
N VAL B 173 -18.15 17.97 -28.94
CA VAL B 173 -17.21 16.87 -29.13
C VAL B 173 -15.80 17.10 -28.58
N GLY B 174 -15.40 18.37 -28.46
CA GLY B 174 -14.01 18.75 -28.22
C GLY B 174 -13.40 18.15 -26.97
N ARG B 175 -14.08 18.33 -25.84
CA ARG B 175 -13.56 17.89 -24.55
C ARG B 175 -13.52 16.37 -24.51
N PRO B 176 -14.65 15.72 -24.86
CA PRO B 176 -14.66 14.28 -24.92
C PRO B 176 -13.64 13.73 -25.89
N MET B 177 -13.45 14.36 -27.03
CA MET B 177 -12.39 13.92 -27.93
C MET B 177 -11.08 13.87 -27.17
N ALA B 178 -10.78 14.92 -26.43
CA ALA B 178 -9.50 15.02 -25.70
C ALA B 178 -9.39 13.94 -24.64
N LEU B 179 -10.48 13.68 -23.92
CA LEU B 179 -10.48 12.63 -22.89
C LEU B 179 -10.28 11.25 -23.54
N GLU B 180 -10.85 11.04 -24.72
CA GLU B 180 -10.64 9.79 -25.48
C GLU B 180 -9.18 9.65 -25.89
N LEU B 181 -8.63 10.70 -26.48
CA LEU B 181 -7.23 10.69 -26.92
C LEU B 181 -6.25 10.42 -25.76
N LEU B 182 -6.53 11.00 -24.61
CA LEU B 182 -5.68 10.81 -23.44
C LEU B 182 -5.73 9.37 -22.96
N LEU B 183 -6.93 8.81 -22.87
CA LEU B 183 -7.12 7.41 -22.52
C LEU B 183 -6.40 6.51 -23.52
N GLY B 184 -6.40 6.90 -24.78
CA GLY B 184 -5.63 6.22 -25.82
C GLY B 184 -4.11 6.38 -25.73
N GLY B 185 -3.64 7.22 -24.81
CA GLY B 185 -2.20 7.37 -24.58
C GLY B 185 -1.54 8.55 -25.29
N CYS B 186 -2.31 9.39 -25.98
CA CYS B 186 -1.72 10.58 -26.61
C CYS B 186 -1.37 11.63 -25.56
N THR B 187 -0.38 12.44 -25.85
CA THR B 187 -0.25 13.75 -25.21
C THR B 187 -1.21 14.65 -25.99
N VAL B 188 -2.11 15.33 -25.30
CA VAL B 188 -3.21 16.06 -25.96
C VAL B 188 -3.21 17.56 -25.65
N THR B 189 -3.24 18.38 -26.69
CA THR B 189 -3.44 19.83 -26.57
C THR B 189 -4.85 20.17 -27.09
N VAL B 190 -5.58 20.97 -26.34
CA VAL B 190 -6.89 21.41 -26.77
C VAL B 190 -6.89 22.90 -27.03
N THR B 191 -7.25 23.29 -28.25
CA THR B 191 -7.27 24.71 -28.62
C THR B 191 -8.69 25.22 -28.85
N HIS B 192 -8.83 26.54 -28.86
CA HIS B 192 -10.13 27.19 -29.02
C HIS B 192 -9.93 28.62 -29.53
N ARG B 193 -11.02 29.39 -29.58
CA ARG B 193 -11.00 30.68 -30.25
C ARG B 193 -10.00 31.67 -29.65
N PHE B 194 -9.70 31.55 -28.35
CA PHE B 194 -8.70 32.41 -27.74
C PHE B 194 -7.27 31.85 -27.84
N THR B 195 -7.09 30.71 -28.49
CA THR B 195 -5.73 30.19 -28.67
C THR B 195 -4.84 31.16 -29.46
N ARG B 196 -3.65 31.44 -28.93
CA ARG B 196 -2.63 32.16 -29.67
C ARG B 196 -1.78 31.17 -30.48
N ASP B 197 -1.25 31.66 -31.59
CA ASP B 197 -0.44 30.86 -32.51
C ASP B 197 -0.98 29.45 -32.71
N LEU B 198 -2.14 29.37 -33.35
CA LEU B 198 -2.73 28.07 -33.67
C LEU B 198 -1.82 27.24 -34.57
N ALA B 199 -1.16 27.90 -35.53
CA ALA B 199 -0.22 27.23 -36.43
C ALA B 199 0.88 26.48 -35.70
N ASP B 200 1.45 27.09 -34.66
CA ASP B 200 2.52 26.45 -33.90
C ASP B 200 2.04 25.15 -33.24
N HIS B 201 0.82 25.17 -32.70
CA HIS B 201 0.27 23.97 -32.04
C HIS B 201 -0.02 22.88 -33.07
N VAL B 202 -0.64 23.25 -34.19
CA VAL B 202 -0.95 22.29 -35.24
C VAL B 202 0.33 21.69 -35.84
N SER B 203 1.32 22.53 -36.11
CA SER B 203 2.53 22.09 -36.83
C SER B 203 3.43 21.16 -36.02
N ARG B 204 3.25 21.14 -34.70
CA ARG B 204 3.95 20.19 -33.84
C ARG B 204 3.20 18.85 -33.67
N ALA B 205 1.99 18.76 -34.20
CA ALA B 205 1.09 17.63 -33.91
C ALA B 205 1.28 16.42 -34.86
N ASP B 206 1.43 15.23 -34.28
CA ASP B 206 1.38 13.98 -35.06
C ASP B 206 -0.05 13.60 -35.41
N LEU B 207 -1.01 14.22 -34.74
CA LEU B 207 -2.41 13.89 -34.91
C LEU B 207 -3.28 15.12 -34.73
N VAL B 208 -4.02 15.49 -35.78
CA VAL B 208 -4.89 16.65 -35.75
C VAL B 208 -6.36 16.25 -35.89
N VAL B 209 -7.16 16.59 -34.89
CA VAL B 209 -8.61 16.42 -34.96
C VAL B 209 -9.28 17.78 -34.97
N VAL B 210 -9.92 18.14 -36.09
CA VAL B 210 -10.54 19.45 -36.24
C VAL B 210 -12.06 19.34 -36.29
N ALA B 211 -12.74 20.18 -35.52
CA ALA B 211 -14.20 20.13 -35.38
C ALA B 211 -14.74 21.51 -35.12
N ALA B 212 -14.49 22.41 -36.06
CA ALA B 212 -14.61 23.86 -35.84
C ALA B 212 -15.84 24.49 -36.50
N GLY B 213 -16.20 24.01 -37.68
CA GLY B 213 -17.23 24.66 -38.49
C GLY B 213 -16.75 26.04 -38.90
N LYS B 214 -15.56 26.07 -39.50
CA LYS B 214 -14.93 27.29 -39.97
C LYS B 214 -14.07 26.92 -41.18
N PRO B 215 -14.56 27.20 -42.40
CA PRO B 215 -13.83 26.77 -43.59
C PRO B 215 -12.41 27.32 -43.70
N GLY B 216 -11.46 26.43 -43.92
CA GLY B 216 -10.07 26.80 -44.15
C GLY B 216 -9.30 27.19 -42.90
N LEU B 217 -9.91 26.99 -41.73
CA LEU B 217 -9.31 27.44 -40.47
C LEU B 217 -7.87 26.95 -40.31
N VAL B 218 -7.65 25.65 -40.49
CA VAL B 218 -6.32 25.04 -40.38
C VAL B 218 -5.66 24.94 -41.75
N LYS B 219 -4.58 25.67 -41.96
CA LYS B 219 -3.92 25.70 -43.28
C LYS B 219 -3.14 24.41 -43.51
N GLY B 220 -3.13 23.94 -44.77
CA GLY B 220 -2.49 22.68 -45.12
C GLY B 220 -1.00 22.71 -44.85
N GLU B 221 -0.42 23.90 -44.99
CA GLU B 221 0.99 24.14 -44.72
C GLU B 221 1.34 23.92 -43.23
N TRP B 222 0.38 24.15 -42.34
CA TRP B 222 0.60 23.94 -40.91
C TRP B 222 0.71 22.47 -40.57
N ILE B 223 0.21 21.58 -41.43
CA ILE B 223 0.19 20.16 -41.12
C ILE B 223 1.60 19.60 -41.03
N LYS B 224 1.86 18.76 -40.05
CA LYS B 224 3.17 18.12 -39.94
C LYS B 224 3.24 17.00 -40.95
N GLU B 225 4.41 16.82 -41.54
CA GLU B 225 4.66 15.71 -42.46
C GLU B 225 4.49 14.40 -41.72
N GLY B 226 3.67 13.50 -42.28
CA GLY B 226 3.38 12.22 -41.64
C GLY B 226 2.26 12.25 -40.61
N ALA B 227 1.62 13.41 -40.44
CA ALA B 227 0.54 13.53 -39.46
C ALA B 227 -0.72 12.84 -39.94
N ILE B 228 -1.50 12.36 -38.98
CA ILE B 228 -2.87 11.87 -39.24
C ILE B 228 -3.82 13.06 -39.03
N VAL B 229 -4.70 13.31 -40.01
CA VAL B 229 -5.61 14.45 -39.96
C VAL B 229 -7.08 14.05 -40.10
N ILE B 230 -7.85 14.28 -39.03
CA ILE B 230 -9.29 14.07 -38.99
C ILE B 230 -10.02 15.41 -39.03
N ASP B 231 -10.81 15.63 -40.07
CA ASP B 231 -11.58 16.87 -40.25
C ASP B 231 -13.05 16.53 -40.33
N VAL B 232 -13.78 16.71 -39.22
CA VAL B 232 -15.18 16.29 -39.14
C VAL B 232 -16.18 17.46 -39.03
N GLY B 233 -15.70 18.70 -39.03
CA GLY B 233 -16.61 19.86 -38.92
C GLY B 233 -17.35 19.87 -37.60
N ILE B 234 -18.49 20.54 -37.56
CA ILE B 234 -19.30 20.63 -36.34
C ILE B 234 -20.67 19.96 -36.41
N ASN B 235 -21.10 19.48 -37.58
CA ASN B 235 -22.34 18.72 -37.65
C ASN B 235 -22.03 17.23 -37.51
N ARG B 236 -22.43 16.65 -36.38
CA ARG B 236 -22.13 15.26 -36.02
C ARG B 236 -22.97 14.24 -36.78
N GLN B 237 -24.13 14.67 -37.28
CA GLN B 237 -25.09 13.75 -37.91
C GLN B 237 -25.01 13.76 -39.44
N ALA B 238 -24.37 14.78 -40.01
CA ALA B 238 -24.24 14.88 -41.45
C ALA B 238 -23.06 15.76 -41.80
N ASP B 239 -22.46 15.51 -42.96
CA ASP B 239 -21.38 16.34 -43.45
C ASP B 239 -21.73 16.69 -44.87
N GLY B 240 -22.17 17.93 -45.06
CA GLY B 240 -22.58 18.43 -46.37
C GLY B 240 -21.73 19.61 -46.81
N ARG B 241 -20.53 19.71 -46.25
CA ARG B 241 -19.61 20.81 -46.56
C ARG B 241 -18.97 20.59 -47.92
N LEU B 242 -18.90 21.64 -48.70
CA LEU B 242 -18.12 21.61 -49.95
C LEU B 242 -16.65 21.81 -49.60
N VAL B 243 -16.39 22.54 -48.52
CA VAL B 243 -15.03 22.88 -48.10
C VAL B 243 -14.89 22.67 -46.60
N GLY B 244 -13.86 21.94 -46.20
CA GLY B 244 -13.68 21.59 -44.80
C GLY B 244 -12.94 22.61 -43.95
N ASP B 245 -12.72 22.23 -42.69
CA ASP B 245 -11.95 23.04 -41.75
C ASP B 245 -10.45 23.05 -42.10
N VAL B 246 -9.97 21.97 -42.70
CA VAL B 246 -8.57 21.89 -43.13
C VAL B 246 -8.48 22.12 -44.64
N GLU B 247 -7.46 22.87 -45.08
CA GLU B 247 -7.20 23.05 -46.51
C GLU B 247 -6.72 21.73 -47.10
N TYR B 248 -7.68 20.98 -47.66
CA TYR B 248 -7.47 19.57 -48.03
C TYR B 248 -6.34 19.35 -49.02
N GLU B 249 -6.31 20.18 -50.07
CA GLU B 249 -5.38 19.96 -51.18
C GLU B 249 -3.92 19.90 -50.71
N VAL B 250 -3.52 20.86 -49.88
CA VAL B 250 -2.14 20.95 -49.42
C VAL B 250 -1.89 19.98 -48.27
N ALA B 251 -2.88 19.81 -47.40
CA ALA B 251 -2.76 18.88 -46.27
C ALA B 251 -2.56 17.46 -46.78
N ALA B 252 -3.25 17.10 -47.85
CA ALA B 252 -3.17 15.75 -48.43
C ALA B 252 -1.77 15.41 -48.93
N GLN B 253 -1.02 16.43 -49.32
CA GLN B 253 0.37 16.27 -49.78
C GLN B 253 1.35 16.01 -48.64
N ARG B 254 0.94 16.31 -47.41
CA ARG B 254 1.82 16.22 -46.23
C ARG B 254 1.40 15.11 -45.24
N ALA B 255 0.10 15.01 -44.99
CA ALA B 255 -0.41 13.99 -44.07
C ALA B 255 -0.17 12.58 -44.59
N SER B 256 0.02 11.65 -43.65
CA SER B 256 0.08 10.23 -43.99
C SER B 256 -1.34 9.69 -44.20
N TRP B 257 -2.22 9.99 -43.24
CA TRP B 257 -3.65 9.67 -43.36
C TRP B 257 -4.49 10.94 -43.21
N ILE B 258 -5.60 10.99 -43.94
CA ILE B 258 -6.49 12.13 -43.84
C ILE B 258 -7.90 11.71 -44.20
N THR B 259 -8.90 12.34 -43.57
CA THR B 259 -10.29 12.13 -43.92
C THR B 259 -10.70 13.09 -45.04
N PRO B 260 -11.19 12.57 -46.18
CA PRO B 260 -11.81 13.46 -47.14
C PRO B 260 -13.01 14.22 -46.55
N VAL B 261 -13.36 15.33 -47.18
CA VAL B 261 -14.49 16.15 -46.77
C VAL B 261 -15.26 16.45 -48.03
N PRO B 262 -16.60 16.31 -48.01
CA PRO B 262 -17.43 15.82 -46.91
C PRO B 262 -17.19 14.35 -46.61
N GLY B 263 -17.08 14.01 -45.32
CA GLY B 263 -16.70 12.67 -44.89
C GLY B 263 -17.80 11.94 -44.14
N GLY B 264 -17.38 11.00 -43.30
CA GLY B 264 -18.32 10.07 -42.69
C GLY B 264 -18.61 10.28 -41.22
N VAL B 265 -18.52 11.52 -40.72
CA VAL B 265 -18.76 11.74 -39.29
C VAL B 265 -20.15 11.25 -38.86
N GLY B 266 -21.15 11.50 -39.71
CA GLY B 266 -22.53 11.11 -39.45
C GLY B 266 -22.74 9.60 -39.35
N PRO B 267 -22.44 8.87 -40.44
CA PRO B 267 -22.52 7.40 -40.39
C PRO B 267 -21.73 6.80 -39.23
N MET B 268 -20.52 7.33 -38.99
CA MET B 268 -19.66 6.85 -37.90
C MET B 268 -20.29 7.09 -36.54
N THR B 269 -20.85 8.28 -36.38
CA THR B 269 -21.58 8.64 -35.16
C THR B 269 -22.78 7.69 -34.93
N ARG B 270 -23.59 7.46 -35.96
CA ARG B 270 -24.73 6.55 -35.81
C ARG B 270 -24.26 5.12 -35.53
N ALA B 271 -23.23 4.68 -36.25
CA ALA B 271 -22.71 3.34 -36.08
C ALA B 271 -22.20 3.09 -34.65
N CYS B 272 -21.55 4.09 -34.06
CA CYS B 272 -21.04 3.93 -32.68
C CYS B 272 -22.14 4.00 -31.63
N LEU B 273 -23.17 4.81 -31.93
CA LEU B 273 -24.36 4.87 -31.11
C LEU B 273 -25.03 3.50 -31.07
N LEU B 274 -25.07 2.83 -32.22
CA LEU B 274 -25.68 1.51 -32.32
C LEU B 274 -24.81 0.51 -31.59
N GLU B 275 -23.50 0.65 -31.75
CA GLU B 275 -22.53 -0.18 -31.03
C GLU B 275 -22.68 -0.05 -29.51
N ASN B 276 -23.03 1.14 -29.02
CA ASN B 276 -23.24 1.37 -27.59
C ASN B 276 -24.53 0.72 -27.09
N THR B 277 -25.55 0.69 -27.96
CA THR B 277 -26.79 0.00 -27.66
C THR B 277 -26.55 -1.51 -27.48
N LEU B 278 -25.89 -2.13 -28.47
CA LEU B 278 -25.47 -3.53 -28.38
C LEU B 278 -24.65 -3.79 -27.12
N HIS B 279 -23.64 -2.96 -26.88
CA HIS B 279 -22.82 -3.08 -25.67
C HIS B 279 -23.68 -3.02 -24.41
N ALA B 280 -24.56 -2.03 -24.34
CA ALA B 280 -25.54 -1.92 -23.26
C ALA B 280 -26.26 -3.25 -23.07
N ALA B 281 -26.78 -3.78 -24.17
CA ALA B 281 -27.56 -5.01 -24.16
C ALA B 281 -26.74 -6.21 -23.71
N GLU B 282 -25.55 -6.37 -24.31
CA GLU B 282 -24.69 -7.52 -24.05
C GLU B 282 -23.99 -7.45 -22.69
N HIS B 283 -23.75 -6.24 -22.18
CA HIS B 283 -22.87 -6.06 -21.01
C HIS B 283 -23.44 -5.31 -19.81
N LEU B 284 -24.39 -4.40 -20.02
CA LEU B 284 -24.92 -3.58 -18.92
C LEU B 284 -26.32 -3.99 -18.44
N HIS B 285 -27.10 -4.65 -19.29
CA HIS B 285 -28.45 -5.07 -18.94
C HIS B 285 -28.60 -6.58 -19.10
N ASP B 286 -29.78 -7.09 -18.72
CA ASP B 286 -30.09 -8.51 -18.80
C ASP B 286 -30.98 -8.79 -20.01
N THR C 4 44.18 1.72 30.48
CA THR C 4 43.70 3.13 30.31
C THR C 4 42.40 3.22 29.50
N ALA C 5 41.47 2.31 29.78
CA ALA C 5 40.11 2.36 29.22
C ALA C 5 39.12 2.50 30.36
N GLN C 6 38.02 3.20 30.11
CA GLN C 6 37.03 3.45 31.16
C GLN C 6 36.33 2.17 31.62
N LEU C 7 36.02 2.10 32.91
CA LEU C 7 35.49 0.88 33.50
C LEU C 7 33.96 0.91 33.59
N ILE C 8 33.34 -0.18 33.14
CA ILE C 8 31.92 -0.40 33.36
C ILE C 8 31.75 -1.10 34.71
N ASP C 9 31.11 -0.42 35.65
CA ASP C 9 30.91 -0.95 36.99
C ASP C 9 29.49 -1.50 37.07
N GLY C 10 29.36 -2.79 36.79
CA GLY C 10 28.08 -3.47 36.82
C GLY C 10 27.46 -3.42 38.20
N LYS C 11 28.27 -3.67 39.22
CA LYS C 11 27.82 -3.60 40.60
C LYS C 11 27.14 -2.27 40.91
N ALA C 12 27.78 -1.16 40.53
CA ALA C 12 27.26 0.19 40.83
C ALA C 12 26.04 0.53 40.00
N ILE C 13 26.05 0.12 38.73
CA ILE C 13 24.90 0.32 37.86
C ILE C 13 23.70 -0.49 38.37
N ALA C 14 23.95 -1.72 38.82
CA ALA C 14 22.90 -2.55 39.41
C ALA C 14 22.31 -1.92 40.67
N ALA C 15 23.18 -1.49 41.57
CA ALA C 15 22.74 -0.89 42.84
C ALA C 15 21.93 0.39 42.59
N ASN C 16 22.37 1.21 41.64
CA ASN C 16 21.65 2.44 41.29
C ASN C 16 20.31 2.15 40.63
N LEU C 17 20.23 1.03 39.91
CA LEU C 17 18.97 0.62 39.27
C LEU C 17 17.94 0.17 40.30
N ARG C 18 18.39 -0.59 41.30
CA ARG C 18 17.51 -1.05 42.38
C ARG C 18 16.91 0.14 43.14
N GLN C 19 17.71 1.18 43.36
CA GLN C 19 17.23 2.41 44.01
C GLN C 19 16.12 3.08 43.20
N GLN C 20 16.28 3.10 41.88
CA GLN C 20 15.29 3.70 40.99
C GLN C 20 13.97 2.93 41.00
N ILE C 21 14.04 1.59 40.96
CA ILE C 21 12.85 0.75 41.04
C ILE C 21 12.07 0.97 42.35
N ALA C 22 12.80 1.13 43.45
CA ALA C 22 12.21 1.37 44.77
C ALA C 22 11.48 2.70 44.82
N GLN C 23 12.11 3.74 44.25
CA GLN C 23 11.54 5.08 44.19
C GLN C 23 10.26 5.11 43.35
N ARG C 24 10.20 4.30 42.30
CA ARG C 24 9.00 4.19 41.46
C ARG C 24 7.89 3.41 42.15
N VAL C 25 8.28 2.41 42.95
CA VAL C 25 7.31 1.60 43.71
C VAL C 25 6.74 2.35 44.91
N THR C 26 7.57 3.18 45.54
CA THR C 26 7.12 4.07 46.61
C THR C 26 6.06 5.05 46.10
N GLU C 27 6.19 5.47 44.84
CA GLU C 27 5.24 6.41 44.23
C GLU C 27 3.88 5.77 43.91
N ARG C 28 3.89 4.56 43.36
CA ARG C 28 2.65 3.84 43.06
C ARG C 28 1.73 3.67 44.29
N ARG C 29 2.34 3.44 45.45
CA ARG C 29 1.61 3.37 46.71
C ARG C 29 0.92 4.70 47.05
N GLN C 30 1.65 5.80 46.84
CA GLN C 30 1.10 7.14 47.06
C GLN C 30 0.05 7.49 46.01
N GLN C 31 0.24 7.01 44.79
CA GLN C 31 -0.72 7.20 43.70
C GLN C 31 -1.91 6.22 43.72
N GLY C 32 -1.89 5.26 44.64
CA GLY C 32 -2.97 4.28 44.80
C GLY C 32 -2.90 3.09 43.87
N LEU C 33 -1.85 3.02 43.05
CA LEU C 33 -1.70 1.95 42.08
C LEU C 33 -1.17 0.67 42.75
N ARG C 34 -1.47 -0.47 42.14
CA ARG C 34 -1.20 -1.78 42.75
C ARG C 34 0.30 -2.03 42.93
N VAL C 35 0.69 -2.42 44.14
CA VAL C 35 2.08 -2.77 44.44
C VAL C 35 2.47 -4.01 43.64
N PRO C 36 3.56 -3.92 42.85
CA PRO C 36 4.00 -5.06 42.04
C PRO C 36 4.35 -6.29 42.88
N GLY C 37 3.93 -7.47 42.41
CA GLY C 37 4.13 -8.72 43.14
C GLY C 37 5.05 -9.68 42.41
N LEU C 38 6.14 -10.06 43.05
CA LEU C 38 7.05 -11.08 42.51
C LEU C 38 6.98 -12.37 43.30
N ALA C 39 6.77 -13.48 42.61
CA ALA C 39 6.81 -14.82 43.19
C ALA C 39 8.16 -15.43 42.84
N VAL C 40 8.78 -16.08 43.83
CA VAL C 40 10.09 -16.69 43.67
C VAL C 40 10.05 -18.14 44.16
N ILE C 41 10.10 -19.09 43.22
CA ILE C 41 9.98 -20.51 43.54
C ILE C 41 11.36 -21.17 43.61
N LEU C 42 11.64 -21.83 44.73
CA LEU C 42 12.87 -22.62 44.90
C LEU C 42 12.51 -24.07 45.19
N VAL C 43 12.84 -24.96 44.25
CA VAL C 43 12.63 -26.40 44.43
C VAL C 43 13.91 -27.07 44.88
N GLY C 44 13.80 -27.94 45.88
CA GLY C 44 14.94 -28.67 46.41
C GLY C 44 15.84 -27.83 47.29
N THR C 45 16.96 -28.41 47.71
CA THR C 45 17.93 -27.72 48.56
C THR C 45 19.32 -27.72 47.95
N ASP C 46 19.40 -27.59 46.63
CA ASP C 46 20.68 -27.44 45.93
C ASP C 46 21.44 -26.26 46.56
N PRO C 47 22.73 -26.46 46.92
CA PRO C 47 23.43 -25.40 47.65
C PRO C 47 23.50 -24.07 46.89
N ALA C 48 23.92 -24.13 45.64
CA ALA C 48 24.06 -22.94 44.80
C ALA C 48 22.77 -22.12 44.75
N SER C 49 21.65 -22.82 44.62
CA SER C 49 20.33 -22.20 44.73
C SER C 49 20.05 -21.92 46.21
N GLN C 50 20.35 -20.70 46.64
CA GLN C 50 20.22 -20.30 48.03
C GLN C 50 20.86 -18.94 48.19
N VAL C 51 22.17 -18.87 47.96
CA VAL C 51 22.87 -17.60 47.89
C VAL C 51 22.28 -16.73 46.77
N TYR C 52 21.86 -17.38 45.69
CA TYR C 52 21.24 -16.69 44.56
C TYR C 52 19.76 -16.38 44.84
N VAL C 53 19.01 -17.43 45.16
CA VAL C 53 17.58 -17.34 45.41
C VAL C 53 17.19 -16.42 46.55
N ALA C 54 18.03 -16.35 47.58
CA ALA C 54 17.81 -15.45 48.71
C ALA C 54 18.17 -14.01 48.35
N HIS C 55 19.17 -13.84 47.47
CA HIS C 55 19.56 -12.50 47.02
C HIS C 55 18.46 -11.88 46.14
N LYS C 56 17.85 -12.70 45.30
CA LYS C 56 16.73 -12.26 44.47
C LYS C 56 15.60 -11.74 45.36
N ARG C 57 15.34 -12.44 46.46
CA ARG C 57 14.39 -11.99 47.47
C ARG C 57 14.92 -10.78 48.24
N LYS C 58 16.22 -10.80 48.53
CA LYS C 58 16.89 -9.66 49.17
C LYS C 58 16.65 -8.38 48.37
N ASP C 59 16.87 -8.45 47.05
CA ASP C 59 16.66 -7.29 46.19
C ASP C 59 15.16 -6.98 45.99
N CYS C 60 14.35 -8.03 45.87
CA CYS C 60 12.90 -7.87 45.75
C CYS C 60 12.33 -7.07 46.90
N GLU C 61 12.63 -7.52 48.11
CA GLU C 61 12.20 -6.81 49.33
C GLU C 61 12.79 -5.40 49.43
N GLU C 62 14.02 -5.24 48.95
CA GLU C 62 14.71 -3.94 49.01
C GLU C 62 14.05 -2.88 48.14
N VAL C 63 13.40 -3.31 47.04
CA VAL C 63 12.64 -2.38 46.19
C VAL C 63 11.15 -2.33 46.56
N GLY C 64 10.82 -2.79 47.77
CA GLY C 64 9.46 -2.66 48.30
C GLY C 64 8.38 -3.34 47.48
N PHE C 65 8.71 -4.41 46.79
CA PHE C 65 7.74 -5.17 46.03
C PHE C 65 6.98 -6.12 46.96
N LEU C 66 5.80 -6.57 46.54
CA LEU C 66 5.13 -7.69 47.18
C LEU C 66 5.92 -8.97 46.87
N SER C 67 6.20 -9.76 47.90
CA SER C 67 7.02 -10.97 47.76
C SER C 67 6.21 -12.20 48.13
N GLN C 68 6.54 -13.34 47.53
CA GLN C 68 5.84 -14.60 47.82
C GLN C 68 6.79 -15.80 47.69
N ALA C 69 7.61 -15.99 48.72
CA ALA C 69 8.64 -17.03 48.72
C ALA C 69 8.04 -18.42 48.86
N TYR C 70 8.32 -19.29 47.90
CA TYR C 70 7.91 -20.68 47.96
C TYR C 70 9.15 -21.58 47.87
N ASP C 71 9.53 -22.18 49.01
CA ASP C 71 10.70 -23.07 49.08
C ASP C 71 10.27 -24.52 49.09
N LEU C 72 9.97 -25.08 47.93
CA LEU C 72 9.63 -26.49 47.79
C LEU C 72 10.86 -27.38 48.00
N PRO C 73 10.70 -28.48 48.74
CA PRO C 73 11.74 -29.51 48.74
C PRO C 73 11.76 -30.32 47.44
N ALA C 74 12.71 -31.25 47.34
CA ALA C 74 13.03 -31.91 46.07
C ALA C 74 11.97 -32.89 45.56
N GLU C 75 11.17 -33.44 46.47
CA GLU C 75 10.23 -34.50 46.11
C GLU C 75 9.05 -34.07 45.24
N THR C 76 8.80 -32.76 45.18
CA THR C 76 7.62 -32.20 44.52
C THR C 76 7.36 -32.77 43.12
N SER C 77 6.08 -33.06 42.86
CA SER C 77 5.63 -33.62 41.57
C SER C 77 5.60 -32.56 40.49
N GLN C 78 5.69 -33.02 39.24
CA GLN C 78 5.63 -32.13 38.08
C GLN C 78 4.22 -31.54 37.95
N ASP C 79 3.21 -32.38 38.17
CA ASP C 79 1.82 -31.92 38.27
C ASP C 79 1.66 -30.94 39.44
N ASP C 80 2.19 -31.32 40.59
CA ASP C 80 2.28 -30.42 41.75
C ASP C 80 2.81 -29.03 41.36
N LEU C 81 3.89 -29.00 40.59
CA LEU C 81 4.50 -27.73 40.15
C LEU C 81 3.66 -27.03 39.10
N LEU C 82 3.19 -27.79 38.12
CA LEU C 82 2.35 -27.24 37.05
C LEU C 82 1.08 -26.64 37.64
N ALA C 83 0.47 -27.36 38.58
CA ALA C 83 -0.74 -26.89 39.25
C ALA C 83 -0.48 -25.59 40.03
N LEU C 84 0.65 -25.51 40.72
CA LEU C 84 1.05 -24.29 41.43
C LEU C 84 1.20 -23.12 40.45
N ILE C 85 1.93 -23.34 39.37
CA ILE C 85 2.16 -22.30 38.37
C ILE C 85 0.84 -21.78 37.77
N ASP C 86 -0.12 -22.69 37.54
CA ASP C 86 -1.42 -22.31 36.98
C ASP C 86 -2.16 -21.25 37.78
N ARG C 87 -2.06 -21.32 39.11
CA ARG C 87 -2.76 -20.37 39.98
C ARG C 87 -1.98 -19.06 40.10
N LEU C 88 -0.65 -19.15 40.13
CA LEU C 88 0.21 -17.97 40.09
C LEU C 88 -0.06 -17.12 38.85
N ASN C 89 -0.43 -17.78 37.76
CA ASN C 89 -0.83 -17.09 36.54
C ASN C 89 -2.23 -16.48 36.64
N ASP C 90 -3.14 -17.18 37.34
CA ASP C 90 -4.49 -16.68 37.57
C ASP C 90 -4.55 -15.67 38.72
N ASP C 91 -3.49 -15.60 39.53
CA ASP C 91 -3.44 -14.64 40.64
C ASP C 91 -3.29 -13.22 40.07
N PRO C 92 -4.19 -12.30 40.44
CA PRO C 92 -4.05 -10.92 39.98
C PRO C 92 -2.95 -10.15 40.72
N ALA C 93 -2.66 -10.55 41.95
CA ALA C 93 -1.66 -9.88 42.77
C ALA C 93 -0.22 -10.12 42.29
N ILE C 94 0.01 -11.21 41.57
CA ILE C 94 1.36 -11.58 41.10
C ILE C 94 1.64 -11.14 39.66
N ASP C 95 2.71 -10.37 39.48
CA ASP C 95 3.14 -9.89 38.16
C ASP C 95 4.25 -10.72 37.55
N GLY C 96 5.19 -11.15 38.39
CA GLY C 96 6.36 -11.89 37.93
C GLY C 96 6.53 -13.17 38.71
N ILE C 97 6.72 -14.27 37.99
CA ILE C 97 7.01 -15.56 38.62
C ILE C 97 8.45 -15.91 38.27
N LEU C 98 9.23 -16.25 39.28
CA LEU C 98 10.64 -16.57 39.10
C LEU C 98 10.94 -17.94 39.69
N VAL C 99 11.36 -18.87 38.84
CA VAL C 99 11.70 -20.22 39.24
C VAL C 99 13.21 -20.36 39.22
N GLN C 100 13.79 -20.72 40.36
CA GLN C 100 15.24 -20.85 40.48
C GLN C 100 15.73 -22.11 39.79
N LEU C 101 16.82 -21.97 39.03
CA LEU C 101 17.44 -23.10 38.32
C LEU C 101 18.77 -23.46 38.95
N PRO C 102 19.22 -24.72 38.79
CA PRO C 102 18.57 -25.84 38.11
C PRO C 102 17.47 -26.52 38.92
N LEU C 103 16.46 -27.05 38.24
CA LEU C 103 15.41 -27.84 38.87
C LEU C 103 15.87 -29.30 38.92
N PRO C 104 15.24 -30.13 39.77
CA PRO C 104 15.69 -31.53 39.88
C PRO C 104 15.50 -32.32 38.59
N ALA C 105 16.36 -33.33 38.40
CA ALA C 105 16.45 -34.07 37.13
C ALA C 105 15.12 -34.64 36.62
N HIS C 106 14.23 -35.01 37.56
CA HIS C 106 12.94 -35.63 37.18
C HIS C 106 11.95 -34.62 36.62
N LEU C 107 12.05 -33.36 37.05
CA LEU C 107 11.16 -32.31 36.56
C LEU C 107 11.62 -31.79 35.19
N ASP C 108 10.65 -31.55 34.32
CA ASP C 108 10.90 -31.00 32.99
C ASP C 108 10.90 -29.48 33.09
N ALA C 109 12.06 -28.91 33.42
CA ALA C 109 12.19 -27.48 33.68
C ALA C 109 11.56 -26.58 32.60
N SER C 110 11.71 -26.99 31.34
CA SER C 110 11.15 -26.23 30.23
C SER C 110 9.63 -26.30 30.25
N LEU C 111 9.10 -27.52 30.30
CA LEU C 111 7.64 -27.69 30.35
C LEU C 111 7.07 -26.90 31.52
N LEU C 112 7.82 -26.85 32.62
CA LEU C 112 7.42 -26.03 33.77
C LEU C 112 7.54 -24.55 33.46
N LEU C 113 8.76 -24.09 33.17
CA LEU C 113 9.02 -22.68 32.91
C LEU C 113 8.12 -22.10 31.81
N GLU C 114 7.82 -22.90 30.78
CA GLU C 114 6.95 -22.49 29.69
C GLU C 114 5.45 -22.50 30.06
N ARG C 115 5.09 -23.21 31.12
CA ARG C 115 3.71 -23.16 31.63
C ARG C 115 3.37 -21.75 32.16
N ILE C 116 4.38 -21.02 32.63
CA ILE C 116 4.23 -19.61 32.99
C ILE C 116 3.74 -18.82 31.78
N HIS C 117 2.80 -17.91 32.00
CA HIS C 117 2.39 -16.98 30.94
C HIS C 117 3.59 -16.07 30.64
N PRO C 118 3.84 -15.78 29.36
CA PRO C 118 4.97 -14.91 29.03
C PRO C 118 4.92 -13.54 29.73
N ASP C 119 3.74 -12.96 29.88
CA ASP C 119 3.60 -11.66 30.57
C ASP C 119 3.92 -11.73 32.06
N LYS C 120 4.06 -12.96 32.58
CA LYS C 120 4.49 -13.19 33.95
C LYS C 120 5.96 -13.67 34.05
N ASP C 121 6.62 -13.83 32.90
CA ASP C 121 7.98 -14.40 32.83
C ASP C 121 9.05 -13.30 32.91
N VAL C 122 9.34 -12.85 34.14
CA VAL C 122 10.24 -11.70 34.34
C VAL C 122 11.72 -12.03 34.11
N ASP C 123 12.06 -13.32 34.12
CA ASP C 123 13.38 -13.78 33.71
C ASP C 123 13.57 -13.49 32.22
N GLY C 124 12.54 -13.78 31.43
CA GLY C 124 12.44 -13.33 30.04
C GLY C 124 12.87 -14.32 28.98
N PHE C 125 13.24 -15.53 29.39
CA PHE C 125 13.73 -16.54 28.47
C PHE C 125 12.65 -17.53 28.05
N HIS C 126 11.39 -17.26 28.42
CA HIS C 126 10.26 -17.99 27.86
C HIS C 126 10.33 -17.82 26.34
N PRO C 127 10.25 -18.95 25.59
CA PRO C 127 10.39 -18.94 24.13
C PRO C 127 9.57 -17.86 23.44
N TYR C 128 8.37 -17.60 23.96
CA TYR C 128 7.50 -16.57 23.42
C TYR C 128 8.15 -15.21 23.59
N ASN C 129 8.71 -14.95 24.76
CA ASN C 129 9.37 -13.67 25.01
C ASN C 129 10.58 -13.45 24.11
N ILE C 130 11.37 -14.49 23.89
CA ILE C 130 12.52 -14.40 22.97
C ILE C 130 12.06 -14.22 21.53
N GLY C 131 10.96 -14.88 21.16
CA GLY C 131 10.38 -14.71 19.84
C GLY C 131 9.87 -13.30 19.62
N ARG C 132 9.27 -12.73 20.66
CA ARG C 132 8.81 -11.34 20.61
C ARG C 132 9.99 -10.38 20.51
N LEU C 133 11.09 -10.72 21.17
CA LEU C 133 12.34 -9.97 21.01
C LEU C 133 12.86 -10.09 19.58
N ALA C 134 12.80 -11.29 19.03
CA ALA C 134 13.29 -11.54 17.67
C ALA C 134 12.52 -10.70 16.64
N GLN C 135 11.22 -10.53 16.82
CA GLN C 135 10.44 -9.73 15.87
C GLN C 135 10.30 -8.25 16.24
N ARG C 136 11.24 -7.74 17.05
CA ARG C 136 11.29 -6.32 17.41
C ARG C 136 10.02 -5.81 18.09
N MET C 137 9.37 -6.68 18.85
CA MET C 137 8.18 -6.30 19.63
C MET C 137 8.25 -7.01 20.97
N PRO C 138 9.28 -6.68 21.76
CA PRO C 138 9.51 -7.42 23.01
C PRO C 138 8.39 -7.20 24.03
N LEU C 139 7.97 -8.28 24.68
CA LEU C 139 7.12 -8.17 25.87
C LEU C 139 8.03 -7.95 27.07
N LEU C 140 8.60 -9.03 27.60
CA LEU C 140 9.61 -8.92 28.63
C LEU C 140 10.93 -9.42 28.07
N ARG C 141 11.95 -8.57 28.10
CA ARG C 141 13.26 -8.91 27.56
C ARG C 141 14.02 -9.88 28.49
N PRO C 142 14.77 -10.83 27.90
CA PRO C 142 15.68 -11.66 28.69
C PRO C 142 16.58 -10.79 29.56
N CYS C 143 16.66 -11.08 30.86
CA CYS C 143 17.22 -10.11 31.81
C CYS C 143 18.72 -9.92 31.71
N THR C 144 19.48 -11.00 31.56
CA THR C 144 20.94 -10.87 31.48
C THR C 144 21.38 -10.08 30.25
N PRO C 145 20.83 -10.40 29.05
CA PRO C 145 21.11 -9.55 27.89
C PRO C 145 20.64 -8.12 28.09
N LYS C 146 19.45 -7.97 28.67
CA LYS C 146 18.93 -6.65 28.97
C LYS C 146 19.89 -5.87 29.86
N GLY C 147 20.42 -6.54 30.88
CA GLY C 147 21.45 -5.95 31.73
C GLY C 147 22.70 -5.53 30.96
N ILE C 148 23.13 -6.35 30.01
CA ILE C 148 24.33 -6.04 29.21
C ILE C 148 24.09 -4.84 28.29
N MET C 149 22.86 -4.71 27.79
CA MET C 149 22.44 -3.53 27.04
C MET C 149 22.51 -2.29 27.91
N THR C 150 21.94 -2.36 29.11
CA THR C 150 22.05 -1.29 30.09
C THR C 150 23.50 -0.94 30.40
N LEU C 151 24.36 -1.96 30.43
CA LEU C 151 25.80 -1.77 30.55
C LEU C 151 26.34 -0.98 29.36
N LEU C 152 26.00 -1.40 28.15
CA LEU C 152 26.41 -0.68 26.95
C LEU C 152 25.87 0.76 26.97
N ALA C 153 24.60 0.91 27.36
CA ALA C 153 23.96 2.22 27.41
C ALA C 153 24.60 3.15 28.44
N SER C 154 25.21 2.60 29.49
CA SER C 154 25.87 3.41 30.50
C SER C 154 27.16 4.06 29.99
N THR C 155 27.76 3.49 28.94
CA THR C 155 28.93 4.08 28.30
C THR C 155 28.57 5.32 27.48
N GLY C 156 27.28 5.46 27.15
CA GLY C 156 26.80 6.58 26.34
C GLY C 156 27.07 6.41 24.86
N ALA C 157 27.69 5.30 24.47
CA ALA C 157 28.10 5.08 23.09
C ALA C 157 26.88 4.77 22.23
N ASP C 158 26.89 5.27 20.99
CA ASP C 158 25.80 5.07 20.06
C ASP C 158 25.92 3.70 19.41
N LEU C 159 25.01 2.80 19.76
CA LEU C 159 25.04 1.43 19.24
C LEU C 159 24.80 1.34 17.74
N TYR C 160 24.03 2.29 17.19
CA TYR C 160 23.66 2.26 15.76
C TYR C 160 24.86 2.24 14.81
N GLY C 161 24.90 1.22 13.95
CA GLY C 161 25.97 1.07 12.97
C GLY C 161 27.16 0.25 13.44
N MET C 162 27.25 -0.02 14.74
CA MET C 162 28.41 -0.72 15.30
C MET C 162 28.44 -2.18 14.86
N ASP C 163 29.64 -2.67 14.56
CA ASP C 163 29.87 -4.11 14.36
C ASP C 163 30.05 -4.76 15.73
N ALA C 164 29.12 -5.62 16.09
CA ALA C 164 29.20 -6.28 17.39
C ALA C 164 29.44 -7.76 17.20
N VAL C 165 30.10 -8.37 18.17
CA VAL C 165 30.30 -9.80 18.15
C VAL C 165 29.94 -10.39 19.49
N VAL C 166 29.24 -11.52 19.43
CA VAL C 166 28.85 -12.25 20.60
C VAL C 166 29.66 -13.53 20.57
N VAL C 167 30.48 -13.74 21.59
CA VAL C 167 31.36 -14.89 21.67
C VAL C 167 30.83 -15.80 22.77
N GLY C 168 30.43 -17.00 22.37
CA GLY C 168 29.77 -17.95 23.26
C GLY C 168 28.30 -18.09 22.92
N ALA C 169 27.98 -18.12 21.63
CA ALA C 169 26.63 -18.45 21.14
C ALA C 169 26.06 -19.64 21.90
N SER C 170 26.93 -20.63 22.13
CA SER C 170 26.58 -21.81 22.93
C SER C 170 26.59 -21.47 24.43
N ASN C 171 25.80 -20.45 24.79
CA ASN C 171 25.49 -20.13 26.18
C ASN C 171 24.10 -19.50 26.24
N ILE C 172 23.41 -19.77 27.33
CA ILE C 172 22.03 -19.33 27.57
C ILE C 172 21.68 -17.97 26.99
N VAL C 173 22.60 -17.00 27.10
CA VAL C 173 22.33 -15.62 26.69
C VAL C 173 22.82 -15.22 25.30
N GLY C 174 23.61 -16.06 24.66
CA GLY C 174 24.20 -15.78 23.35
C GLY C 174 23.21 -15.30 22.30
N ARG C 175 22.23 -16.14 21.97
CA ARG C 175 21.21 -15.79 20.96
C ARG C 175 20.40 -14.56 21.36
N PRO C 176 19.83 -14.56 22.58
CA PRO C 176 19.11 -13.40 23.08
C PRO C 176 19.94 -12.12 23.04
N MET C 177 21.24 -12.24 23.36
CA MET C 177 22.15 -11.11 23.25
C MET C 177 22.21 -10.60 21.81
N ALA C 178 22.30 -11.52 20.86
CA ALA C 178 22.34 -11.16 19.44
C ALA C 178 21.09 -10.40 19.03
N LEU C 179 19.94 -10.91 19.43
CA LEU C 179 18.66 -10.29 19.11
C LEU C 179 18.54 -8.91 19.79
N GLU C 180 18.99 -8.81 21.03
CA GLU C 180 19.05 -7.51 21.73
C GLU C 180 19.92 -6.51 21.00
N LEU C 181 21.10 -6.93 20.57
CA LEU C 181 22.02 -6.03 19.87
C LEU C 181 21.44 -5.61 18.52
N LEU C 182 20.78 -6.55 17.84
CA LEU C 182 20.17 -6.26 16.54
C LEU C 182 19.06 -5.25 16.69
N LEU C 183 18.17 -5.49 17.65
CA LEU C 183 17.15 -4.51 18.04
C LEU C 183 17.77 -3.13 18.33
N GLY C 184 18.96 -3.11 18.94
CA GLY C 184 19.66 -1.88 19.29
C GLY C 184 20.35 -1.20 18.12
N GLY C 185 20.32 -1.84 16.95
CA GLY C 185 20.85 -1.24 15.71
C GLY C 185 22.28 -1.63 15.37
N CYS C 186 22.78 -2.69 16.00
CA CYS C 186 24.12 -3.20 15.75
C CYS C 186 24.10 -4.19 14.58
N THR C 187 25.19 -4.26 13.82
CA THR C 187 25.44 -5.40 12.94
C THR C 187 26.09 -6.48 13.81
N VAL C 188 25.48 -7.66 13.85
CA VAL C 188 25.83 -8.67 14.85
C VAL C 188 26.36 -9.94 14.22
N THR C 189 27.50 -10.39 14.71
CA THR C 189 28.04 -11.68 14.39
C THR C 189 27.99 -12.56 15.62
N VAL C 190 27.44 -13.75 15.48
CA VAL C 190 27.46 -14.75 16.55
C VAL C 190 28.47 -15.83 16.16
N THR C 191 29.39 -16.11 17.08
CA THR C 191 30.40 -17.14 16.92
C THR C 191 30.18 -18.21 17.98
N HIS C 192 30.85 -19.34 17.81
CA HIS C 192 30.74 -20.47 18.74
C HIS C 192 31.94 -21.41 18.53
N ARG C 193 31.93 -22.59 19.18
CA ARG C 193 33.14 -23.43 19.20
C ARG C 193 33.58 -23.94 17.83
N PHE C 194 32.69 -23.93 16.86
CA PHE C 194 33.05 -24.33 15.51
C PHE C 194 33.46 -23.17 14.63
N THR C 195 33.45 -21.94 15.15
CA THR C 195 33.90 -20.79 14.36
C THR C 195 35.36 -21.00 13.92
N ARG C 196 35.61 -20.79 12.64
CA ARG C 196 36.88 -21.19 12.05
C ARG C 196 38.02 -20.29 12.51
N ASP C 197 37.78 -18.98 12.55
CA ASP C 197 38.85 -17.99 12.74
C ASP C 197 38.36 -16.86 13.63
N LEU C 198 38.24 -17.15 14.93
CA LEU C 198 37.65 -16.23 15.89
C LEU C 198 38.38 -14.90 15.98
N ALA C 199 39.71 -14.96 15.97
CA ALA C 199 40.54 -13.76 15.98
C ALA C 199 40.09 -12.75 14.92
N ASP C 200 39.79 -13.27 13.72
CA ASP C 200 39.40 -12.44 12.60
C ASP C 200 38.13 -11.67 12.89
N HIS C 201 37.12 -12.37 13.39
CA HIS C 201 35.84 -11.76 13.68
C HIS C 201 35.95 -10.78 14.84
N VAL C 202 36.60 -11.20 15.93
CA VAL C 202 36.71 -10.36 17.12
C VAL C 202 37.39 -9.02 16.81
N SER C 203 38.41 -9.05 15.94
CA SER C 203 39.24 -7.87 15.66
C SER C 203 38.60 -6.82 14.75
N ARG C 204 37.42 -7.11 14.20
CA ARG C 204 36.70 -6.09 13.43
C ARG C 204 35.59 -5.46 14.26
N ALA C 205 35.31 -6.04 15.43
CA ALA C 205 34.16 -5.62 16.23
C ALA C 205 34.42 -4.33 17.02
N ASP C 206 33.42 -3.47 17.01
CA ASP C 206 33.38 -2.26 17.84
C ASP C 206 32.84 -2.60 19.22
N LEU C 207 32.20 -3.76 19.32
CA LEU C 207 31.58 -4.21 20.54
C LEU C 207 31.77 -5.72 20.67
N VAL C 208 32.30 -6.16 21.82
CA VAL C 208 32.55 -7.57 22.08
C VAL C 208 31.85 -8.03 23.36
N VAL C 209 30.92 -8.96 23.20
CA VAL C 209 30.24 -9.56 24.33
C VAL C 209 30.67 -11.02 24.41
N VAL C 210 31.36 -11.36 25.49
CA VAL C 210 31.92 -12.70 25.68
C VAL C 210 31.27 -13.39 26.87
N ALA C 211 30.69 -14.55 26.61
CA ALA C 211 30.08 -15.36 27.66
C ALA C 211 30.46 -16.79 27.35
N ALA C 212 31.73 -17.10 27.56
CA ALA C 212 32.28 -18.37 27.11
C ALA C 212 32.65 -19.27 28.28
N GLY C 213 33.15 -18.68 29.36
CA GLY C 213 33.69 -19.46 30.47
C GLY C 213 34.92 -20.26 30.08
N LYS C 214 35.77 -19.66 29.24
CA LYS C 214 37.05 -20.23 28.81
C LYS C 214 38.14 -19.18 28.97
N PRO C 215 38.88 -19.23 30.11
CA PRO C 215 39.90 -18.22 30.44
C PRO C 215 40.86 -17.89 29.29
N GLY C 216 40.91 -16.62 28.91
CA GLY C 216 41.81 -16.19 27.83
C GLY C 216 41.47 -16.74 26.46
N LEU C 217 40.20 -17.04 26.22
CA LEU C 217 39.76 -17.44 24.87
C LEU C 217 40.00 -16.29 23.91
N VAL C 218 39.57 -15.10 24.31
CA VAL C 218 39.72 -13.89 23.51
C VAL C 218 41.01 -13.19 23.88
N LYS C 219 41.96 -13.16 22.95
CA LYS C 219 43.26 -12.51 23.19
C LYS C 219 43.11 -11.00 23.19
N GLY C 220 43.91 -10.35 24.03
CA GLY C 220 43.87 -8.90 24.16
C GLY C 220 44.27 -8.18 22.89
N GLU C 221 45.19 -8.77 22.13
CA GLU C 221 45.64 -8.19 20.86
C GLU C 221 44.51 -8.17 19.85
N TRP C 222 43.60 -9.14 19.94
CA TRP C 222 42.47 -9.21 19.03
C TRP C 222 41.54 -8.00 19.16
N ILE C 223 41.52 -7.36 20.32
CA ILE C 223 40.59 -6.27 20.55
C ILE C 223 40.90 -5.11 19.64
N LYS C 224 39.87 -4.57 19.00
CA LYS C 224 40.03 -3.39 18.15
C LYS C 224 40.17 -2.15 19.02
N GLU C 225 41.09 -1.28 18.64
CA GLU C 225 41.28 0.02 19.30
C GLU C 225 39.93 0.72 19.46
N GLY C 226 39.57 1.02 20.72
CA GLY C 226 38.35 1.75 21.03
C GLY C 226 37.11 0.90 21.18
N ALA C 227 37.27 -0.42 21.10
CA ALA C 227 36.15 -1.34 21.22
C ALA C 227 35.56 -1.35 22.62
N ILE C 228 34.27 -1.67 22.73
CA ILE C 228 33.64 -1.89 24.03
C ILE C 228 33.59 -3.38 24.31
N VAL C 229 34.15 -3.79 25.45
CA VAL C 229 34.30 -5.20 25.79
C VAL C 229 33.55 -5.56 27.07
N ILE C 230 32.54 -6.44 26.92
CA ILE C 230 31.81 -6.98 28.04
C ILE C 230 32.25 -8.44 28.21
N ASP C 231 32.69 -8.80 29.42
CA ASP C 231 33.17 -10.16 29.70
C ASP C 231 32.41 -10.67 30.92
N VAL C 232 31.35 -11.45 30.68
CA VAL C 232 30.46 -11.87 31.77
C VAL C 232 30.60 -13.34 32.13
N GLY C 233 31.38 -14.08 31.38
CA GLY C 233 31.50 -15.53 31.60
C GLY C 233 30.20 -16.24 31.38
N ILE C 234 30.04 -17.41 32.01
CA ILE C 234 28.83 -18.20 31.85
C ILE C 234 28.00 -18.27 33.11
N ASN C 235 28.47 -17.66 34.19
CA ASN C 235 27.66 -17.54 35.39
C ASN C 235 27.00 -16.17 35.39
N ARG C 236 25.69 -16.15 35.13
CA ARG C 236 24.95 -14.91 35.10
C ARG C 236 24.36 -14.54 36.46
N GLN C 237 24.58 -15.37 37.49
CA GLN C 237 24.09 -15.08 38.85
C GLN C 237 25.18 -14.57 39.79
N ALA C 238 26.44 -14.98 39.58
CA ALA C 238 27.55 -14.59 40.45
C ALA C 238 28.90 -14.83 39.80
N ASP C 239 29.58 -13.75 39.43
CA ASP C 239 30.90 -13.82 38.85
C ASP C 239 31.94 -13.92 39.96
N GLY C 240 32.50 -15.12 40.14
CA GLY C 240 33.58 -15.37 41.09
C GLY C 240 34.93 -15.66 40.43
N ARG C 241 35.00 -15.45 39.11
CA ARG C 241 36.22 -15.69 38.34
C ARG C 241 37.32 -14.73 38.74
N LEU C 242 38.57 -15.21 38.69
CA LEU C 242 39.73 -14.35 38.90
C LEU C 242 40.34 -13.99 37.55
N VAL C 243 40.09 -14.84 36.55
CA VAL C 243 40.56 -14.61 35.19
C VAL C 243 39.39 -14.73 34.21
N GLY C 244 39.21 -13.71 33.37
CA GLY C 244 38.05 -13.66 32.50
C GLY C 244 38.22 -14.43 31.21
N ASP C 245 37.17 -14.43 30.41
CA ASP C 245 37.25 -14.95 29.05
C ASP C 245 38.13 -14.07 28.18
N VAL C 246 38.26 -12.79 28.54
CA VAL C 246 39.12 -11.88 27.82
C VAL C 246 40.38 -11.60 28.64
N GLU C 247 41.53 -11.73 27.99
CA GLU C 247 42.82 -11.34 28.54
C GLU C 247 42.76 -9.86 28.93
N TYR C 248 42.47 -9.62 30.21
CA TYR C 248 42.03 -8.32 30.72
C TYR C 248 43.14 -7.28 30.81
N GLU C 249 44.39 -7.73 30.85
CA GLU C 249 45.52 -6.81 30.98
C GLU C 249 45.77 -6.06 29.67
N VAL C 250 45.88 -6.79 28.56
CA VAL C 250 46.11 -6.17 27.26
C VAL C 250 44.84 -5.52 26.71
N ALA C 251 43.72 -6.24 26.83
CA ALA C 251 42.41 -5.71 26.41
C ALA C 251 42.18 -4.30 26.93
N ALA C 252 42.37 -4.11 28.23
CA ALA C 252 42.08 -2.84 28.89
C ALA C 252 42.88 -1.65 28.32
N GLN C 253 43.90 -1.93 27.52
CA GLN C 253 44.73 -0.88 26.92
C GLN C 253 44.30 -0.51 25.49
N ARG C 254 43.40 -1.28 24.91
CA ARG C 254 42.92 -1.01 23.56
C ARG C 254 41.47 -0.57 23.57
N ALA C 255 40.66 -1.16 24.44
CA ALA C 255 39.24 -0.83 24.52
C ALA C 255 39.02 0.61 25.01
N SER C 256 37.88 1.19 24.64
CA SER C 256 37.46 2.48 25.19
C SER C 256 36.72 2.25 26.50
N TRP C 257 36.05 1.10 26.59
CA TRP C 257 35.30 0.72 27.77
C TRP C 257 35.50 -0.76 28.03
N ILE C 258 35.43 -1.17 29.28
CA ILE C 258 35.58 -2.58 29.63
C ILE C 258 35.03 -2.94 31.01
N THR C 259 34.48 -4.14 31.10
CA THR C 259 34.03 -4.70 32.37
C THR C 259 35.20 -5.37 33.08
N PRO C 260 35.43 -5.02 34.36
CA PRO C 260 36.36 -5.82 35.15
C PRO C 260 35.82 -7.21 35.44
N VAL C 261 36.73 -8.14 35.71
CA VAL C 261 36.37 -9.50 36.07
C VAL C 261 37.07 -9.81 37.39
N PRO C 262 36.33 -10.30 38.41
CA PRO C 262 34.90 -10.59 38.32
C PRO C 262 34.05 -9.31 38.26
N GLY C 263 32.93 -9.37 37.54
CA GLY C 263 32.08 -8.21 37.29
C GLY C 263 30.70 -8.33 37.89
N GLY C 264 29.79 -7.47 37.44
CA GLY C 264 28.48 -7.34 38.06
C GLY C 264 27.35 -7.94 37.27
N VAL C 265 27.60 -9.03 36.56
CA VAL C 265 26.57 -9.67 35.74
C VAL C 265 25.45 -10.23 36.61
N GLY C 266 25.80 -10.76 37.77
CA GLY C 266 24.81 -11.23 38.73
C GLY C 266 23.85 -10.14 39.15
N PRO C 267 24.39 -9.06 39.75
CA PRO C 267 23.54 -7.94 40.20
C PRO C 267 22.83 -7.20 39.05
N MET C 268 23.45 -7.13 37.88
CA MET C 268 22.77 -6.55 36.72
C MET C 268 21.56 -7.40 36.31
N THR C 269 21.75 -8.73 36.28
CA THR C 269 20.68 -9.66 35.95
C THR C 269 19.48 -9.49 36.86
N ARG C 270 19.73 -9.49 38.17
CA ARG C 270 18.66 -9.39 39.15
C ARG C 270 17.98 -8.02 39.09
N ALA C 271 18.78 -6.98 38.88
CA ALA C 271 18.24 -5.63 38.70
C ALA C 271 17.16 -5.63 37.60
N CYS C 272 17.48 -6.23 36.47
CA CYS C 272 16.59 -6.21 35.31
C CYS C 272 15.39 -7.14 35.47
N LEU C 273 15.57 -8.26 36.16
CA LEU C 273 14.46 -9.15 36.48
C LEU C 273 13.39 -8.35 37.26
N LEU C 274 13.86 -7.48 38.13
CA LEU C 274 13.00 -6.59 38.90
C LEU C 274 12.41 -5.51 37.97
N GLU C 275 13.23 -4.94 37.08
CA GLU C 275 12.73 -4.00 36.07
C GLU C 275 11.59 -4.63 35.28
N ASN C 276 11.79 -5.85 34.79
CA ASN C 276 10.72 -6.60 34.13
C ASN C 276 9.45 -6.69 34.99
N THR C 277 9.61 -6.97 36.27
CA THR C 277 8.48 -7.17 37.17
C THR C 277 7.63 -5.91 37.28
N LEU C 278 8.28 -4.77 37.46
CA LEU C 278 7.62 -3.47 37.42
C LEU C 278 6.85 -3.30 36.10
N HIS C 279 7.57 -3.38 34.98
CA HIS C 279 6.99 -3.24 33.65
C HIS C 279 5.70 -4.06 33.44
N ALA C 280 5.73 -5.32 33.89
CA ALA C 280 4.58 -6.22 33.74
C ALA C 280 3.34 -5.72 34.51
N ALA C 281 3.58 -5.11 35.66
CA ALA C 281 2.50 -4.53 36.46
C ALA C 281 1.91 -3.28 35.81
N GLU C 282 2.79 -2.42 35.29
CA GLU C 282 2.35 -1.16 34.70
C GLU C 282 1.62 -1.37 33.37
N HIS C 283 2.24 -2.14 32.48
CA HIS C 283 1.83 -2.17 31.07
C HIS C 283 1.15 -3.46 30.61
N LEU C 284 1.39 -4.58 31.29
CA LEU C 284 0.82 -5.87 30.89
C LEU C 284 -0.33 -6.33 31.77
N HIS C 285 -0.38 -5.80 32.99
CA HIS C 285 -1.47 -6.09 33.91
C HIS C 285 -2.21 -4.80 34.24
N ASP C 286 -3.02 -4.35 33.28
CA ASP C 286 -3.79 -3.09 33.34
C ASP C 286 -2.95 -1.92 32.79
N THR D 4 28.92 -22.42 -14.88
CA THR D 4 29.67 -21.38 -14.12
C THR D 4 29.27 -21.34 -12.65
N ALA D 5 28.14 -21.96 -12.31
CA ALA D 5 27.73 -22.17 -10.92
C ALA D 5 26.62 -23.21 -10.84
N GLN D 6 26.87 -24.30 -10.11
CA GLN D 6 25.85 -25.33 -9.88
C GLN D 6 24.57 -24.70 -9.34
N LEU D 7 23.44 -25.04 -9.92
CA LEU D 7 22.15 -24.46 -9.54
C LEU D 7 21.48 -25.27 -8.42
N ILE D 8 20.98 -24.56 -7.42
CA ILE D 8 20.15 -25.20 -6.40
C ILE D 8 18.73 -25.33 -6.94
N ASP D 9 18.35 -26.56 -7.28
CA ASP D 9 17.06 -26.82 -7.90
C ASP D 9 15.96 -27.03 -6.86
N GLY D 10 15.46 -25.92 -6.31
CA GLY D 10 14.40 -25.96 -5.30
C GLY D 10 13.11 -26.60 -5.78
N LYS D 11 12.81 -26.42 -7.06
CA LYS D 11 11.63 -27.05 -7.67
C LYS D 11 11.76 -28.56 -7.61
N ALA D 12 12.93 -29.07 -7.98
CA ALA D 12 13.19 -30.50 -7.93
C ALA D 12 13.27 -31.01 -6.50
N ILE D 13 13.99 -30.28 -5.63
CA ILE D 13 14.16 -30.67 -4.24
C ILE D 13 12.81 -30.68 -3.52
N ALA D 14 11.99 -29.67 -3.76
CA ALA D 14 10.64 -29.62 -3.20
C ALA D 14 9.78 -30.74 -3.77
N ALA D 15 9.87 -30.95 -5.09
CA ALA D 15 9.14 -32.04 -5.74
C ALA D 15 9.46 -33.37 -5.06
N ASN D 16 10.74 -33.62 -4.79
CA ASN D 16 11.17 -34.82 -4.08
C ASN D 16 10.60 -34.93 -2.66
N LEU D 17 10.54 -33.80 -1.97
CA LEU D 17 10.03 -33.76 -0.60
C LEU D 17 8.52 -33.96 -0.57
N ARG D 18 7.82 -33.44 -1.58
CA ARG D 18 6.40 -33.77 -1.81
C ARG D 18 6.21 -35.28 -2.03
N GLN D 19 7.12 -35.92 -2.75
CA GLN D 19 7.04 -37.37 -2.95
C GLN D 19 7.11 -38.08 -1.61
N GLN D 20 8.14 -37.73 -0.81
CA GLN D 20 8.38 -38.36 0.48
C GLN D 20 7.18 -38.22 1.41
N ILE D 21 6.63 -37.01 1.50
CA ILE D 21 5.48 -36.74 2.36
C ILE D 21 4.23 -37.48 1.86
N ALA D 22 4.06 -37.54 0.54
CA ALA D 22 2.94 -38.26 -0.06
C ALA D 22 3.01 -39.75 0.26
N GLN D 23 4.20 -40.32 0.13
CA GLN D 23 4.44 -41.74 0.42
C GLN D 23 4.30 -42.07 1.90
N ARG D 24 4.51 -41.07 2.76
CA ARG D 24 4.24 -41.25 4.19
C ARG D 24 2.74 -41.14 4.46
N VAL D 25 2.08 -40.21 3.76
CA VAL D 25 0.62 -40.11 3.79
C VAL D 25 -0.03 -41.42 3.32
N THR D 26 0.53 -41.99 2.26
CA THR D 26 0.11 -43.31 1.75
C THR D 26 0.21 -44.36 2.84
N GLU D 27 1.38 -44.47 3.44
CA GLU D 27 1.64 -45.46 4.50
C GLU D 27 0.70 -45.31 5.71
N ARG D 28 0.50 -44.08 6.16
CA ARG D 28 -0.37 -43.82 7.32
C ARG D 28 -1.81 -44.27 7.06
N ARG D 29 -2.33 -43.91 5.88
CA ARG D 29 -3.63 -44.41 5.44
C ARG D 29 -3.63 -45.93 5.45
N GLN D 30 -2.57 -46.52 4.88
CA GLN D 30 -2.40 -47.97 4.86
C GLN D 30 -2.16 -48.57 6.25
N GLN D 31 -1.70 -47.74 7.19
CA GLN D 31 -1.63 -48.12 8.60
C GLN D 31 -2.96 -47.84 9.29
N GLY D 32 -2.91 -47.61 10.60
CA GLY D 32 -4.11 -47.26 11.37
C GLY D 32 -4.29 -45.76 11.57
N LEU D 33 -3.21 -44.97 11.53
CA LEU D 33 -3.37 -43.58 11.95
C LEU D 33 -3.98 -42.66 10.90
N ARG D 34 -4.67 -41.67 11.42
CA ARG D 34 -5.52 -40.71 10.71
C ARG D 34 -4.65 -39.69 9.95
N VAL D 35 -5.05 -39.37 8.72
CA VAL D 35 -4.30 -38.46 7.86
C VAL D 35 -4.37 -37.02 8.37
N PRO D 36 -3.25 -36.28 8.25
CA PRO D 36 -3.19 -34.93 8.80
C PRO D 36 -4.03 -33.92 8.02
N GLY D 37 -4.64 -32.99 8.75
CA GLY D 37 -5.47 -31.94 8.15
C GLY D 37 -4.81 -30.57 8.26
N LEU D 38 -5.00 -29.76 7.23
CA LEU D 38 -4.48 -28.40 7.19
C LEU D 38 -5.62 -27.42 6.93
N ALA D 39 -5.94 -26.61 7.94
CA ALA D 39 -6.95 -25.57 7.79
C ALA D 39 -6.29 -24.32 7.21
N VAL D 40 -6.69 -23.96 5.99
CA VAL D 40 -6.16 -22.77 5.32
C VAL D 40 -7.24 -21.68 5.33
N ILE D 41 -6.96 -20.58 6.04
CA ILE D 41 -7.87 -19.46 6.14
C ILE D 41 -7.43 -18.34 5.20
N LEU D 42 -8.38 -17.75 4.50
CA LEU D 42 -8.12 -16.62 3.62
C LEU D 42 -9.20 -15.56 3.87
N VAL D 43 -8.80 -14.30 3.90
CA VAL D 43 -9.73 -13.20 4.13
C VAL D 43 -9.57 -12.15 3.03
N GLY D 44 -10.65 -11.86 2.31
CA GLY D 44 -10.63 -10.90 1.20
C GLY D 44 -10.30 -11.57 -0.12
N THR D 45 -10.05 -10.75 -1.15
CA THR D 45 -9.86 -11.25 -2.51
C THR D 45 -8.65 -10.64 -3.26
N ASP D 46 -7.51 -10.51 -2.57
CA ASP D 46 -6.26 -10.09 -3.22
C ASP D 46 -5.72 -11.21 -4.10
N PRO D 47 -5.53 -10.97 -5.42
CA PRO D 47 -5.03 -12.00 -6.35
C PRO D 47 -3.74 -12.67 -5.91
N ALA D 48 -2.78 -11.89 -5.41
CA ALA D 48 -1.52 -12.45 -4.90
C ALA D 48 -1.78 -13.48 -3.80
N SER D 49 -2.70 -13.15 -2.89
CA SER D 49 -3.11 -14.06 -1.83
C SER D 49 -3.83 -15.28 -2.39
N GLN D 50 -4.76 -15.05 -3.32
CA GLN D 50 -5.51 -16.13 -3.96
C GLN D 50 -4.61 -17.11 -4.72
N VAL D 51 -3.56 -16.59 -5.35
CA VAL D 51 -2.60 -17.43 -6.08
C VAL D 51 -1.72 -18.25 -5.12
N TYR D 52 -1.19 -17.61 -4.07
CA TYR D 52 -0.37 -18.32 -3.06
C TYR D 52 -1.15 -19.45 -2.39
N VAL D 53 -2.42 -19.20 -2.10
CA VAL D 53 -3.30 -20.19 -1.50
C VAL D 53 -3.70 -21.26 -2.52
N ALA D 54 -3.88 -20.85 -3.77
CA ALA D 54 -4.15 -21.79 -4.86
C ALA D 54 -2.98 -22.76 -5.01
N HIS D 55 -1.76 -22.24 -4.88
CA HIS D 55 -0.56 -23.09 -4.89
C HIS D 55 -0.52 -23.99 -3.64
N LYS D 56 -0.95 -23.45 -2.50
CA LYS D 56 -0.91 -24.19 -1.25
C LYS D 56 -1.89 -25.37 -1.23
N ARG D 57 -3.16 -25.07 -1.50
CA ARG D 57 -4.20 -26.09 -1.49
C ARG D 57 -3.99 -27.15 -2.57
N LYS D 58 -3.37 -26.74 -3.68
CA LYS D 58 -2.93 -27.67 -4.72
C LYS D 58 -1.93 -28.64 -4.13
N ASP D 59 -0.89 -28.11 -3.47
CA ASP D 59 0.12 -28.95 -2.81
C ASP D 59 -0.47 -29.78 -1.67
N CYS D 60 -1.41 -29.19 -0.94
CA CYS D 60 -2.04 -29.87 0.21
C CYS D 60 -2.88 -31.07 -0.20
N GLU D 61 -3.78 -30.86 -1.17
CA GLU D 61 -4.62 -31.94 -1.69
C GLU D 61 -3.80 -32.95 -2.51
N GLU D 62 -2.72 -32.48 -3.13
CA GLU D 62 -1.82 -33.34 -3.90
C GLU D 62 -0.92 -34.20 -2.99
N VAL D 63 -0.82 -33.82 -1.72
CA VAL D 63 -0.07 -34.61 -0.73
C VAL D 63 -0.91 -35.67 -0.03
N GLY D 64 -2.24 -35.56 -0.13
CA GLY D 64 -3.17 -36.50 0.48
C GLY D 64 -3.72 -36.05 1.83
N PHE D 65 -3.38 -34.82 2.24
CA PHE D 65 -3.87 -34.25 3.49
C PHE D 65 -5.32 -33.84 3.34
N LEU D 66 -6.08 -33.92 4.44
CA LEU D 66 -7.47 -33.46 4.46
C LEU D 66 -7.50 -31.94 4.47
N SER D 67 -8.06 -31.35 3.42
CA SER D 67 -8.10 -29.89 3.27
C SER D 67 -9.39 -29.32 3.85
N GLN D 68 -9.26 -28.22 4.59
CA GLN D 68 -10.39 -27.48 5.16
C GLN D 68 -10.23 -26.02 4.70
N ALA D 69 -10.92 -25.68 3.61
CA ALA D 69 -10.71 -24.42 2.90
C ALA D 69 -11.65 -23.32 3.39
N TYR D 70 -11.13 -22.45 4.25
CA TYR D 70 -11.89 -21.28 4.72
C TYR D 70 -11.60 -20.07 3.86
N ASP D 71 -12.63 -19.59 3.16
CA ASP D 71 -12.55 -18.34 2.40
C ASP D 71 -13.58 -17.36 2.93
N LEU D 72 -13.26 -16.71 4.04
CA LEU D 72 -14.18 -15.77 4.68
C LEU D 72 -14.14 -14.42 3.98
N PRO D 73 -15.24 -13.64 4.08
CA PRO D 73 -15.29 -12.28 3.54
C PRO D 73 -14.22 -11.34 4.09
N ALA D 74 -13.89 -10.31 3.33
CA ALA D 74 -12.90 -9.30 3.75
C ALA D 74 -13.39 -8.52 4.97
N GLU D 75 -14.71 -8.35 5.09
CA GLU D 75 -15.30 -7.64 6.23
C GLU D 75 -15.56 -8.52 7.45
N THR D 76 -15.09 -9.77 7.41
CA THR D 76 -15.27 -10.70 8.51
C THR D 76 -14.58 -10.18 9.77
N SER D 77 -15.29 -10.22 10.90
CA SER D 77 -14.81 -9.60 12.13
C SER D 77 -13.61 -10.32 12.73
N GLN D 78 -12.95 -9.65 13.66
CA GLN D 78 -11.82 -10.21 14.38
C GLN D 78 -12.31 -11.38 15.25
N ASP D 79 -13.36 -11.14 16.03
CA ASP D 79 -13.95 -12.18 16.88
C ASP D 79 -14.36 -13.41 16.09
N ASP D 80 -14.94 -13.20 14.91
CA ASP D 80 -15.35 -14.31 14.05
C ASP D 80 -14.15 -15.17 13.65
N LEU D 81 -13.06 -14.50 13.26
CA LEU D 81 -11.82 -15.20 12.91
C LEU D 81 -11.14 -15.75 14.17
N LEU D 82 -11.23 -14.99 15.26
CA LEU D 82 -10.63 -15.37 16.54
C LEU D 82 -11.30 -16.60 17.13
N ALA D 83 -12.64 -16.60 17.18
CA ALA D 83 -13.41 -17.73 17.68
C ALA D 83 -13.27 -18.97 16.80
N LEU D 84 -13.13 -18.75 15.49
CA LEU D 84 -12.90 -19.84 14.53
C LEU D 84 -11.59 -20.56 14.85
N ILE D 85 -10.52 -19.80 15.07
CA ILE D 85 -9.22 -20.36 15.42
C ILE D 85 -9.28 -21.18 16.72
N ASP D 86 -10.13 -20.76 17.65
CA ASP D 86 -10.30 -21.49 18.90
C ASP D 86 -10.85 -22.89 18.62
N ARG D 87 -11.83 -22.97 17.72
CA ARG D 87 -12.44 -24.25 17.34
C ARG D 87 -11.46 -25.17 16.61
N LEU D 88 -10.58 -24.59 15.80
CA LEU D 88 -9.58 -25.35 15.05
C LEU D 88 -8.45 -25.85 15.96
N ASN D 89 -8.21 -25.15 17.07
CA ASN D 89 -7.25 -25.59 18.07
C ASN D 89 -7.71 -26.85 18.76
N ASP D 90 -9.01 -26.90 19.10
CA ASP D 90 -9.61 -28.03 19.78
C ASP D 90 -9.81 -29.24 18.86
N ASP D 91 -9.85 -29.00 17.56
CA ASP D 91 -10.12 -30.07 16.60
C ASP D 91 -8.94 -31.06 16.54
N PRO D 92 -9.19 -32.35 16.86
CA PRO D 92 -8.12 -33.36 16.76
C PRO D 92 -7.80 -33.77 15.31
N ALA D 93 -8.66 -33.42 14.37
CA ALA D 93 -8.44 -33.72 12.95
C ALA D 93 -7.72 -32.59 12.20
N ILE D 94 -7.32 -31.55 12.93
CA ILE D 94 -6.60 -30.42 12.35
C ILE D 94 -5.25 -30.21 13.04
N ASP D 95 -4.18 -30.39 12.26
CA ASP D 95 -2.81 -30.29 12.78
C ASP D 95 -2.20 -28.91 12.52
N GLY D 96 -2.46 -28.37 11.32
CA GLY D 96 -1.93 -27.08 10.92
C GLY D 96 -3.01 -26.06 10.64
N ILE D 97 -2.89 -24.89 11.26
CA ILE D 97 -3.73 -23.75 10.97
C ILE D 97 -2.86 -22.67 10.32
N LEU D 98 -3.10 -22.43 9.03
CA LEU D 98 -2.37 -21.41 8.26
C LEU D 98 -3.31 -20.27 7.91
N VAL D 99 -2.86 -19.04 8.13
CA VAL D 99 -3.65 -17.85 7.80
C VAL D 99 -2.88 -17.02 6.77
N GLN D 100 -3.45 -16.92 5.56
CA GLN D 100 -2.79 -16.22 4.46
C GLN D 100 -2.70 -14.72 4.73
N LEU D 101 -1.53 -14.15 4.43
CA LEU D 101 -1.27 -12.73 4.63
C LEU D 101 -1.08 -12.05 3.27
N PRO D 102 -1.33 -10.74 3.20
CA PRO D 102 -1.75 -9.84 4.27
C PRO D 102 -3.25 -9.90 4.57
N LEU D 103 -3.61 -9.58 5.80
CA LEU D 103 -5.00 -9.42 6.20
C LEU D 103 -5.40 -7.97 5.95
N PRO D 104 -6.72 -7.69 5.84
CA PRO D 104 -7.10 -6.28 5.72
C PRO D 104 -6.81 -5.52 7.02
N ALA D 105 -6.66 -4.20 6.90
CA ALA D 105 -6.14 -3.35 7.98
C ALA D 105 -6.81 -3.59 9.32
N HIS D 106 -8.13 -3.75 9.30
CA HIS D 106 -8.91 -3.84 10.55
C HIS D 106 -8.60 -5.07 11.42
N LEU D 107 -8.01 -6.12 10.85
CA LEU D 107 -7.61 -7.28 11.65
C LEU D 107 -6.22 -7.10 12.23
N ASP D 108 -6.06 -7.50 13.50
CA ASP D 108 -4.76 -7.51 14.19
C ASP D 108 -4.05 -8.82 13.88
N ALA D 109 -3.16 -8.80 12.90
CA ALA D 109 -2.49 -10.01 12.43
C ALA D 109 -1.70 -10.73 13.52
N SER D 110 -1.00 -9.96 14.36
CA SER D 110 -0.21 -10.55 15.45
C SER D 110 -1.11 -11.28 16.46
N LEU D 111 -2.15 -10.60 16.93
CA LEU D 111 -3.07 -11.18 17.93
C LEU D 111 -3.81 -12.40 17.38
N LEU D 112 -4.09 -12.39 16.07
CA LEU D 112 -4.75 -13.52 15.41
C LEU D 112 -3.83 -14.72 15.24
N LEU D 113 -2.56 -14.48 14.91
CA LEU D 113 -1.61 -15.60 14.72
C LEU D 113 -1.15 -16.20 16.05
N GLU D 114 -0.99 -15.36 17.06
CA GLU D 114 -0.62 -15.82 18.40
C GLU D 114 -1.75 -16.61 19.07
N ARG D 115 -2.99 -16.36 18.67
CA ARG D 115 -4.13 -17.16 19.12
C ARG D 115 -3.95 -18.64 18.77
N ILE D 116 -3.37 -18.91 17.60
CA ILE D 116 -3.09 -20.30 17.19
C ILE D 116 -2.15 -20.97 18.19
N HIS D 117 -2.42 -22.23 18.51
CA HIS D 117 -1.51 -23.01 19.34
C HIS D 117 -0.19 -23.20 18.56
N PRO D 118 0.96 -23.10 19.25
CA PRO D 118 2.23 -23.26 18.53
C PRO D 118 2.37 -24.62 17.85
N ASP D 119 1.92 -25.68 18.52
CA ASP D 119 1.97 -27.03 17.95
C ASP D 119 1.12 -27.20 16.68
N LYS D 120 0.33 -26.17 16.34
CA LYS D 120 -0.39 -26.10 15.08
C LYS D 120 -0.01 -24.92 14.17
N ASP D 121 0.82 -24.00 14.67
CA ASP D 121 1.37 -22.92 13.86
C ASP D 121 2.38 -23.47 12.86
N VAL D 122 1.88 -24.08 11.79
CA VAL D 122 2.73 -24.74 10.79
C VAL D 122 3.49 -23.74 9.94
N ASP D 123 3.05 -22.49 9.94
CA ASP D 123 3.81 -21.41 9.30
C ASP D 123 5.11 -21.22 10.06
N GLY D 124 5.05 -21.36 11.38
CA GLY D 124 6.24 -21.40 12.23
C GLY D 124 6.66 -20.07 12.81
N PHE D 125 5.98 -18.99 12.44
CA PHE D 125 6.37 -17.65 12.87
C PHE D 125 5.70 -17.19 14.18
N HIS D 126 4.96 -18.08 14.85
CA HIS D 126 4.49 -17.78 16.20
C HIS D 126 5.72 -17.52 17.09
N PRO D 127 5.70 -16.42 17.87
CA PRO D 127 6.84 -16.08 18.72
C PRO D 127 7.38 -17.25 19.56
N TYR D 128 6.49 -18.09 20.09
CA TYR D 128 6.90 -19.30 20.78
C TYR D 128 7.82 -20.13 19.89
N ASN D 129 7.40 -20.37 18.65
CA ASN D 129 8.17 -21.19 17.72
C ASN D 129 9.55 -20.62 17.35
N ILE D 130 9.66 -19.31 17.25
CA ILE D 130 10.95 -18.68 16.95
C ILE D 130 11.86 -18.72 18.17
N GLY D 131 11.28 -18.60 19.35
CA GLY D 131 12.01 -18.76 20.60
C GLY D 131 12.53 -20.17 20.81
N ARG D 132 11.71 -21.16 20.43
CA ARG D 132 12.12 -22.56 20.51
C ARG D 132 13.23 -22.86 19.52
N LEU D 133 13.17 -22.25 18.34
CA LEU D 133 14.27 -22.34 17.37
C LEU D 133 15.52 -21.66 17.93
N ALA D 134 15.36 -20.46 18.48
CA ALA D 134 16.47 -19.70 19.06
C ALA D 134 17.22 -20.45 20.18
N GLN D 135 16.48 -21.20 21.01
CA GLN D 135 17.09 -21.99 22.09
C GLN D 135 17.35 -23.45 21.69
N ARG D 136 17.43 -23.70 20.39
CA ARG D 136 17.95 -24.96 19.83
C ARG D 136 17.08 -26.20 20.11
N MET D 137 15.80 -25.98 20.39
CA MET D 137 14.81 -27.05 20.53
C MET D 137 13.59 -26.75 19.67
N PRO D 138 13.75 -26.78 18.34
CA PRO D 138 12.66 -26.37 17.47
C PRO D 138 11.41 -27.23 17.60
N LEU D 139 10.26 -26.55 17.71
CA LEU D 139 8.96 -27.20 17.64
C LEU D 139 8.56 -27.16 16.15
N LEU D 140 7.73 -26.21 15.73
CA LEU D 140 7.44 -26.03 14.31
C LEU D 140 8.36 -24.92 13.81
N ARG D 141 9.20 -25.23 12.83
CA ARG D 141 10.19 -24.28 12.35
C ARG D 141 9.59 -23.36 11.28
N PRO D 142 10.06 -22.10 11.21
CA PRO D 142 9.62 -21.20 10.14
C PRO D 142 9.89 -21.78 8.76
N CYS D 143 8.91 -21.67 7.88
CA CYS D 143 8.91 -22.37 6.60
C CYS D 143 10.06 -22.03 5.68
N THR D 144 10.21 -20.74 5.35
CA THR D 144 11.16 -20.33 4.33
C THR D 144 12.62 -20.58 4.76
N PRO D 145 12.98 -20.19 5.99
CA PRO D 145 14.32 -20.56 6.47
C PRO D 145 14.56 -22.06 6.52
N LYS D 146 13.62 -22.82 7.08
CA LYS D 146 13.73 -24.28 7.16
C LYS D 146 13.95 -24.86 5.77
N GLY D 147 13.30 -24.26 4.77
CA GLY D 147 13.46 -24.69 3.38
C GLY D 147 14.86 -24.43 2.85
N ILE D 148 15.42 -23.28 3.21
CA ILE D 148 16.75 -22.89 2.73
C ILE D 148 17.84 -23.80 3.33
N MET D 149 17.63 -24.23 4.56
CA MET D 149 18.49 -25.20 5.20
C MET D 149 18.48 -26.49 4.42
N THR D 150 17.30 -26.86 3.92
CA THR D 150 17.17 -28.05 3.11
C THR D 150 17.91 -27.87 1.78
N LEU D 151 17.82 -26.67 1.20
CA LEU D 151 18.55 -26.36 -0.03
C LEU D 151 20.05 -26.50 0.18
N LEU D 152 20.54 -25.94 1.29
CA LEU D 152 21.96 -26.00 1.63
C LEU D 152 22.39 -27.45 1.86
N ALA D 153 21.59 -28.19 2.62
CA ALA D 153 21.85 -29.63 2.83
C ALA D 153 22.13 -30.35 1.52
N SER D 154 21.40 -30.00 0.46
CA SER D 154 21.55 -30.68 -0.84
C SER D 154 22.77 -30.23 -1.68
N THR D 155 23.50 -29.21 -1.21
CA THR D 155 24.74 -28.78 -1.88
C THR D 155 25.95 -29.60 -1.41
N GLY D 156 25.78 -30.34 -0.30
CA GLY D 156 26.88 -31.07 0.31
C GLY D 156 27.77 -30.23 1.21
N ALA D 157 27.57 -28.91 1.22
CA ALA D 157 28.44 -27.99 1.96
C ALA D 157 28.46 -28.32 3.45
N ASP D 158 29.62 -28.19 4.07
CA ASP D 158 29.76 -28.37 5.52
C ASP D 158 29.58 -27.01 6.20
N LEU D 159 28.42 -26.81 6.81
CA LEU D 159 28.08 -25.54 7.46
C LEU D 159 28.82 -25.29 8.77
N TYR D 160 29.25 -26.34 9.44
CA TYR D 160 30.00 -26.19 10.68
C TYR D 160 31.20 -25.28 10.39
N GLY D 161 31.26 -24.17 11.10
CA GLY D 161 32.35 -23.22 10.96
C GLY D 161 32.39 -22.40 9.68
N MET D 162 31.35 -22.46 8.86
CA MET D 162 31.31 -21.62 7.68
C MET D 162 30.84 -20.22 8.06
N ASP D 163 31.42 -19.22 7.41
CA ASP D 163 31.09 -17.81 7.65
C ASP D 163 29.92 -17.40 6.76
N ALA D 164 28.76 -17.20 7.37
CA ALA D 164 27.53 -16.84 6.69
C ALA D 164 27.14 -15.41 7.00
N VAL D 165 26.56 -14.73 6.03
CA VAL D 165 25.97 -13.41 6.23
C VAL D 165 24.50 -13.44 5.80
N VAL D 166 23.62 -12.96 6.66
CA VAL D 166 22.19 -12.84 6.35
C VAL D 166 21.92 -11.37 6.08
N VAL D 167 21.56 -11.06 4.83
CA VAL D 167 21.35 -9.69 4.40
C VAL D 167 19.85 -9.39 4.44
N GLY D 168 19.46 -8.58 5.42
CA GLY D 168 18.09 -8.08 5.55
C GLY D 168 17.44 -8.50 6.86
N ALA D 169 17.92 -7.97 7.98
CA ALA D 169 17.36 -8.28 9.31
C ALA D 169 15.88 -7.87 9.37
N SER D 170 15.61 -6.63 9.00
CA SER D 170 14.23 -6.10 8.84
C SER D 170 13.19 -7.14 8.40
N ASN D 171 13.56 -8.00 7.45
CA ASN D 171 12.66 -9.00 6.90
C ASN D 171 12.08 -9.94 7.96
N ILE D 172 10.94 -10.54 7.63
CA ILE D 172 10.30 -11.50 8.51
C ILE D 172 11.12 -12.78 8.55
N VAL D 173 11.87 -13.03 7.48
CA VAL D 173 12.72 -14.22 7.33
C VAL D 173 14.17 -14.06 7.83
N GLY D 174 14.61 -12.82 8.04
CA GLY D 174 15.99 -12.54 8.42
C GLY D 174 16.42 -13.16 9.74
N ARG D 175 15.74 -12.81 10.83
CA ARG D 175 16.14 -13.32 12.15
C ARG D 175 16.05 -14.84 12.21
N PRO D 176 14.93 -15.42 11.75
CA PRO D 176 14.82 -16.88 11.71
C PRO D 176 15.86 -17.58 10.82
N MET D 177 16.26 -16.96 9.72
CA MET D 177 17.33 -17.51 8.90
C MET D 177 18.65 -17.55 9.69
N ALA D 178 18.91 -16.50 10.47
CA ALA D 178 20.12 -16.43 11.29
C ALA D 178 20.14 -17.57 12.32
N LEU D 179 19.01 -17.76 13.00
CA LEU D 179 18.90 -18.79 14.02
C LEU D 179 19.01 -20.18 13.42
N GLU D 180 18.42 -20.38 12.24
CA GLU D 180 18.55 -21.66 11.55
C GLU D 180 20.01 -21.90 11.21
N LEU D 181 20.65 -20.89 10.62
CA LEU D 181 22.04 -21.03 10.26
C LEU D 181 22.95 -21.33 11.46
N LEU D 182 22.68 -20.70 12.60
CA LEU D 182 23.46 -20.97 13.80
C LEU D 182 23.20 -22.38 14.29
N LEU D 183 21.95 -22.84 14.20
CA LEU D 183 21.59 -24.20 14.57
C LEU D 183 22.33 -25.19 13.66
N GLY D 184 22.38 -24.88 12.37
CA GLY D 184 23.19 -25.65 11.41
C GLY D 184 24.70 -25.58 11.63
N GLY D 185 25.16 -24.75 12.56
CA GLY D 185 26.58 -24.68 12.91
C GLY D 185 27.39 -23.58 12.26
N CYS D 186 26.75 -22.70 11.50
CA CYS D 186 27.44 -21.56 10.88
C CYS D 186 27.80 -20.50 11.90
N THR D 187 28.88 -19.78 11.60
CA THR D 187 29.10 -18.46 12.16
C THR D 187 28.33 -17.48 11.28
N VAL D 188 27.48 -16.69 11.92
CA VAL D 188 26.48 -15.88 11.21
C VAL D 188 26.56 -14.42 11.60
N THR D 189 26.63 -13.58 10.58
CA THR D 189 26.57 -12.12 10.72
C THR D 189 25.23 -11.67 10.16
N VAL D 190 24.49 -10.90 10.94
CA VAL D 190 23.22 -10.38 10.47
C VAL D 190 23.33 -8.89 10.17
N THR D 191 23.04 -8.52 8.92
CA THR D 191 23.11 -7.13 8.49
C THR D 191 21.71 -6.57 8.25
N HIS D 192 21.59 -5.25 8.31
CA HIS D 192 20.31 -4.55 8.09
C HIS D 192 20.62 -3.14 7.54
N ARG D 193 19.62 -2.26 7.49
CA ARG D 193 19.80 -0.95 6.84
C ARG D 193 20.80 -0.03 7.54
N PHE D 194 20.97 -0.19 8.86
CA PHE D 194 21.95 0.59 9.62
C PHE D 194 23.37 0.06 9.53
N THR D 195 23.58 -0.98 8.72
CA THR D 195 24.89 -1.61 8.60
C THR D 195 25.87 -0.73 7.84
N ARG D 196 26.99 -0.40 8.50
CA ARG D 196 28.08 0.31 7.84
C ARG D 196 28.84 -0.67 6.95
N ASP D 197 28.91 -0.34 5.66
CA ASP D 197 29.69 -1.09 4.66
C ASP D 197 29.20 -2.52 4.42
N LEU D 198 27.97 -2.62 3.94
CA LEU D 198 27.40 -3.89 3.49
C LEU D 198 28.40 -4.65 2.62
N ALA D 199 28.94 -3.95 1.62
CA ALA D 199 29.90 -4.52 0.67
C ALA D 199 30.98 -5.41 1.32
N ASP D 200 31.57 -4.92 2.40
CA ASP D 200 32.64 -5.66 3.10
C ASP D 200 32.12 -6.91 3.82
N HIS D 201 30.98 -6.77 4.47
CA HIS D 201 30.36 -7.93 5.13
C HIS D 201 30.06 -9.02 4.12
N VAL D 202 29.37 -8.67 3.05
CA VAL D 202 29.06 -9.66 2.00
C VAL D 202 30.34 -10.23 1.39
N SER D 203 31.35 -9.38 1.26
CA SER D 203 32.63 -9.76 0.64
C SER D 203 33.44 -10.83 1.39
N ARG D 204 33.23 -10.94 2.71
CA ARG D 204 33.95 -11.93 3.53
C ARG D 204 33.19 -13.25 3.71
N ALA D 205 31.92 -13.30 3.31
CA ALA D 205 31.08 -14.47 3.57
C ALA D 205 31.32 -15.60 2.57
N ASP D 206 31.34 -16.83 3.08
CA ASP D 206 31.34 -18.05 2.28
C ASP D 206 29.91 -18.47 1.93
N LEU D 207 28.94 -18.02 2.75
CA LEU D 207 27.52 -18.25 2.51
C LEU D 207 26.76 -16.94 2.68
N VAL D 208 25.97 -16.58 1.68
CA VAL D 208 25.28 -15.30 1.64
C VAL D 208 23.79 -15.56 1.43
N VAL D 209 22.96 -15.11 2.37
CA VAL D 209 21.51 -15.22 2.23
C VAL D 209 20.88 -13.83 2.16
N VAL D 210 20.23 -13.54 1.04
CA VAL D 210 19.67 -12.22 0.79
C VAL D 210 18.15 -12.30 0.83
N ALA D 211 17.56 -11.71 1.86
CA ALA D 211 16.10 -11.61 1.99
C ALA D 211 15.75 -10.13 2.19
N ALA D 212 16.20 -9.31 1.25
CA ALA D 212 16.11 -7.85 1.37
C ALA D 212 14.86 -7.29 0.70
N GLY D 213 14.39 -7.96 -0.35
CA GLY D 213 13.29 -7.44 -1.16
C GLY D 213 13.60 -6.12 -1.85
N LYS D 214 14.87 -5.94 -2.21
CA LYS D 214 15.31 -4.74 -2.92
C LYS D 214 16.19 -5.16 -4.10
N PRO D 215 15.62 -5.18 -5.32
CA PRO D 215 16.35 -5.63 -6.50
C PRO D 215 17.79 -5.09 -6.58
N GLY D 216 18.74 -6.00 -6.78
CA GLY D 216 20.14 -5.64 -6.98
C GLY D 216 20.83 -4.95 -5.81
N LEU D 217 20.35 -5.16 -4.59
CA LEU D 217 21.01 -4.58 -3.41
C LEU D 217 22.45 -5.09 -3.31
N VAL D 218 22.61 -6.40 -3.50
CA VAL D 218 23.91 -7.03 -3.40
C VAL D 218 24.53 -7.16 -4.79
N LYS D 219 25.55 -6.36 -5.04
CA LYS D 219 26.24 -6.39 -6.32
C LYS D 219 27.02 -7.70 -6.44
N GLY D 220 26.98 -8.33 -7.62
CA GLY D 220 27.65 -9.60 -7.86
C GLY D 220 29.17 -9.52 -7.75
N GLU D 221 29.70 -8.31 -7.83
CA GLU D 221 31.12 -8.07 -7.60
C GLU D 221 31.51 -8.41 -6.15
N TRP D 222 30.56 -8.24 -5.22
CA TRP D 222 30.81 -8.51 -3.79
C TRP D 222 30.80 -9.98 -3.42
N ILE D 223 30.34 -10.85 -4.32
CA ILE D 223 30.20 -12.27 -4.00
C ILE D 223 31.58 -12.92 -4.05
N LYS D 224 32.07 -13.35 -2.89
CA LYS D 224 33.41 -13.95 -2.79
C LYS D 224 33.51 -15.16 -3.69
N GLU D 225 34.64 -15.29 -4.38
CA GLU D 225 34.88 -16.46 -5.22
C GLU D 225 34.59 -17.73 -4.41
N GLY D 226 33.73 -18.59 -4.96
CA GLY D 226 33.42 -19.87 -4.34
C GLY D 226 32.30 -19.85 -3.30
N ALA D 227 31.67 -18.70 -3.11
CA ALA D 227 30.59 -18.57 -2.12
C ALA D 227 29.27 -19.20 -2.57
N ILE D 228 28.46 -19.61 -1.60
CA ILE D 228 27.10 -20.10 -1.83
C ILE D 228 26.11 -18.95 -1.66
N VAL D 229 25.31 -18.70 -2.71
CA VAL D 229 24.37 -17.58 -2.71
C VAL D 229 22.92 -18.07 -2.74
N ILE D 230 22.16 -17.70 -1.71
CA ILE D 230 20.73 -17.99 -1.65
C ILE D 230 19.96 -16.68 -1.78
N ASP D 231 19.16 -16.56 -2.82
CA ASP D 231 18.43 -15.34 -3.14
C ASP D 231 16.93 -15.56 -2.90
N VAL D 232 16.41 -15.01 -1.80
CA VAL D 232 15.01 -15.19 -1.42
C VAL D 232 14.10 -14.12 -2.03
N GLY D 233 14.68 -13.07 -2.59
CA GLY D 233 13.89 -11.98 -3.19
C GLY D 233 13.05 -12.40 -4.39
N ILE D 234 12.22 -11.48 -4.86
CA ILE D 234 11.36 -11.71 -6.03
C ILE D 234 11.55 -10.60 -7.06
N GLY D 244 15.06 -11.00 -8.37
CA GLY D 244 15.99 -11.40 -7.32
C GLY D 244 16.70 -10.21 -6.72
N ASP D 245 17.16 -10.36 -5.48
CA ASP D 245 17.89 -9.29 -4.77
C ASP D 245 19.36 -9.16 -5.19
N VAL D 246 19.90 -10.19 -5.84
CA VAL D 246 21.32 -10.21 -6.23
C VAL D 246 21.47 -10.16 -7.75
N GLU D 247 22.37 -9.28 -8.22
CA GLU D 247 22.72 -9.22 -9.64
C GLU D 247 23.21 -10.60 -10.10
N TYR D 248 22.31 -11.35 -10.74
CA TYR D 248 22.53 -12.76 -11.02
C TYR D 248 23.66 -13.02 -12.01
N GLU D 249 23.81 -12.13 -13.00
CA GLU D 249 24.82 -12.28 -14.05
C GLU D 249 26.24 -12.47 -13.53
N VAL D 250 26.73 -11.49 -12.75
CA VAL D 250 28.08 -11.55 -12.20
C VAL D 250 28.20 -12.46 -10.97
N ALA D 251 27.13 -12.54 -10.16
CA ALA D 251 27.13 -13.39 -8.97
C ALA D 251 27.24 -14.87 -9.33
N ALA D 252 26.64 -15.27 -10.45
CA ALA D 252 26.75 -16.64 -10.93
C ALA D 252 28.14 -16.92 -11.52
N GLN D 253 28.88 -15.86 -11.84
CA GLN D 253 30.27 -15.98 -12.24
C GLN D 253 31.16 -16.34 -11.06
N ARG D 254 30.90 -15.72 -9.91
CA ARG D 254 31.77 -15.87 -8.73
C ARG D 254 31.34 -16.98 -7.76
N ALA D 255 30.03 -17.23 -7.64
CA ALA D 255 29.53 -18.20 -6.66
C ALA D 255 29.78 -19.66 -7.07
N SER D 256 29.78 -20.55 -6.08
CA SER D 256 29.97 -21.98 -6.31
C SER D 256 28.62 -22.69 -6.47
N TRP D 257 27.66 -22.31 -5.65
CA TRP D 257 26.25 -22.68 -5.83
C TRP D 257 25.41 -21.41 -5.77
N ILE D 258 24.37 -21.35 -6.59
CA ILE D 258 23.46 -20.22 -6.56
C ILE D 258 22.03 -20.67 -6.87
N THR D 259 21.07 -20.05 -6.19
CA THR D 259 19.66 -20.30 -6.46
C THR D 259 19.22 -19.42 -7.61
N PRO D 260 18.61 -20.01 -8.65
CA PRO D 260 18.02 -19.13 -9.65
C PRO D 260 16.75 -18.45 -9.14
N VAL D 261 16.49 -17.25 -9.65
CA VAL D 261 15.19 -16.60 -9.51
C VAL D 261 14.62 -16.49 -10.91
N PRO D 262 13.39 -16.98 -11.14
CA PRO D 262 12.38 -17.51 -10.22
C PRO D 262 12.68 -18.92 -9.68
N GLY D 263 11.75 -19.46 -8.89
CA GLY D 263 11.91 -20.76 -8.27
C GLY D 263 12.84 -20.68 -7.08
N GLY D 264 13.65 -21.71 -6.89
CA GLY D 264 14.63 -21.74 -5.80
C GLY D 264 13.98 -21.95 -4.45
N VAL D 265 13.68 -20.86 -3.75
CA VAL D 265 13.13 -20.91 -2.39
C VAL D 265 11.59 -21.06 -2.40
N GLY D 266 10.94 -20.44 -3.38
CA GLY D 266 9.50 -20.44 -3.48
C GLY D 266 8.83 -21.78 -3.22
N PRO D 267 9.24 -22.83 -3.95
CA PRO D 267 8.57 -24.13 -3.81
C PRO D 267 8.92 -24.86 -2.51
N MET D 268 10.11 -24.61 -2.00
CA MET D 268 10.55 -25.17 -0.72
C MET D 268 9.71 -24.65 0.44
N THR D 269 9.38 -23.36 0.41
CA THR D 269 8.55 -22.77 1.45
C THR D 269 7.22 -23.52 1.61
N ARG D 270 6.55 -23.76 0.49
CA ARG D 270 5.29 -24.52 0.52
C ARG D 270 5.53 -25.99 0.85
N ALA D 271 6.59 -26.56 0.30
CA ALA D 271 6.98 -27.93 0.63
C ALA D 271 7.17 -28.10 2.13
N CYS D 272 7.83 -27.13 2.76
CA CYS D 272 8.12 -27.20 4.19
C CYS D 272 6.90 -26.92 5.05
N LEU D 273 5.93 -26.20 4.49
CA LEU D 273 4.65 -26.02 5.17
C LEU D 273 3.99 -27.39 5.34
N LEU D 274 4.00 -28.19 4.28
CA LEU D 274 3.41 -29.53 4.30
C LEU D 274 4.19 -30.44 5.26
N GLU D 275 5.51 -30.25 5.33
CA GLU D 275 6.36 -30.97 6.28
C GLU D 275 6.01 -30.63 7.72
N ASN D 276 5.85 -29.33 8.00
CA ASN D 276 5.40 -28.89 9.32
C ASN D 276 4.03 -29.49 9.62
N THR D 277 3.14 -29.49 8.63
CA THR D 277 1.83 -30.13 8.74
C THR D 277 1.99 -31.59 9.14
N LEU D 278 2.78 -32.33 8.37
CA LEU D 278 3.00 -33.76 8.60
C LEU D 278 3.64 -34.04 9.96
N HIS D 279 4.70 -33.30 10.29
CA HIS D 279 5.44 -33.48 11.52
C HIS D 279 4.53 -33.35 12.74
N ALA D 280 3.70 -32.30 12.76
CA ALA D 280 2.80 -32.03 13.88
C ALA D 280 1.81 -33.17 14.12
N ALA D 281 1.35 -33.79 13.03
CA ALA D 281 0.45 -34.94 13.12
C ALA D 281 1.14 -36.13 13.77
N GLU D 282 2.36 -36.42 13.32
CA GLU D 282 3.10 -37.59 13.78
C GLU D 282 3.66 -37.43 15.19
N HIS D 283 4.31 -36.30 15.46
CA HIS D 283 5.08 -36.12 16.70
C HIS D 283 4.56 -35.03 17.64
N LEU D 284 3.60 -34.23 17.19
CA LEU D 284 3.09 -33.11 18.01
C LEU D 284 1.80 -33.45 18.73
N HIS D 285 0.85 -34.00 17.98
CA HIS D 285 -0.49 -34.33 18.49
C HIS D 285 -0.63 -35.85 18.64
#